data_8S07
#
_entry.id   8S07
#
_cell.length_a   45.379
_cell.length_b   213.655
_cell.length_c   55.657
_cell.angle_alpha   90.00
_cell.angle_beta   96.40
_cell.angle_gamma   90.00
#
_symmetry.space_group_name_H-M   'P 1 21 1'
#
loop_
_entity.id
_entity.type
_entity.pdbx_description
1 polymer 'Tyrosine-protein phosphatase non-receptor type 11'
2 non-polymer 'FORMIC ACID'
3 non-polymer 7-azanyl-N-pyridin-3-yl-3H-pyrrolo[3,2-b]pyridine-2-carboxamide
4 non-polymer 'DIMETHYL SULFOXIDE'
5 water water
#
_entity_poly.entity_id   1
_entity_poly.type   'polypeptide(L)'
_entity_poly.pdbx_seq_one_letter_code
;HMTSRRWFHPNITGVEAENLLLTRGVDGSFLARPSKSNPGDFTLSVRRNGAVTHIKIQNTGDYYDLYGGEKFATLAELVQ
YYMEHHGQLKEKNGDVIELKYPLNCADPTSERWFHGHLSGKEAEKLLTEKGKHGSFLVRESQSHPGDFVLSVRTGDDKGE
SNDGKSKVTHVMIRCQELKYDVGGGERFDSLTDLVEHYKKNPMVETLGTVLQLKQPLNTTRINAAEIESRVRELSKLAET
TDKVKQGFWEEFETLQQQECKLLYSRKEGQRQENKNKNRYKNILPFDHTRVVLHDGDPNEPVSDYINANIIMPEFETKCN
NSKPKKSYIATQGCLQNTVNDFWRMVFQENSRVIVMTTKEVERGKSKCVKYWPDEYALKEYGVMRVRNVKESAAHDYTLR
ELKLSKVGQGNTERTVWQYHFRTWPDHGVPSDPGGVLDFLEEVHHKQESIMDAGPVVVHCSAGIGRTGTFIVIDILIDII
REKGVDCDIDVPKTIQMVRSQRSGMVQTEAQYRFIYMAVQHYIETLQRRLEHHHHHH
;
_entity_poly.pdbx_strand_id   A,B
#
loop_
_chem_comp.id
_chem_comp.type
_chem_comp.name
_chem_comp.formula
A1H4K non-polymer 7-azanyl-N-pyridin-3-yl-3H-pyrrolo[3,2-b]pyridine-2-carboxamide 'C13 H11 N5 O'
DMS non-polymer 'DIMETHYL SULFOXIDE' 'C2 H6 O S'
FMT non-polymer 'FORMIC ACID' 'C H2 O2'
#
# COMPACT_ATOMS: atom_id res chain seq x y z
N SER A 4 8.76 -7.46 5.86
CA SER A 4 9.65 -6.43 6.42
C SER A 4 10.99 -6.45 5.68
N ARG A 5 11.54 -5.26 5.38
CA ARG A 5 12.95 -5.07 4.91
C ARG A 5 13.75 -4.20 5.90
N ARG A 6 13.25 -4.05 7.16
CA ARG A 6 13.86 -3.15 8.11
C ARG A 6 14.18 -3.80 9.46
N TRP A 7 14.32 -5.11 9.49
CA TRP A 7 14.67 -5.89 10.68
C TRP A 7 16.13 -5.79 11.07
N PHE A 8 17.00 -5.15 10.25
CA PHE A 8 18.40 -4.98 10.56
C PHE A 8 18.57 -3.56 11.08
N HIS A 9 19.13 -3.46 12.25
CA HIS A 9 19.37 -2.21 12.96
C HIS A 9 20.86 -1.92 12.95
N PRO A 10 21.39 -1.09 12.05
CA PRO A 10 22.87 -0.94 11.96
C PRO A 10 23.61 -0.31 13.15
N ASN A 11 22.93 0.59 13.89
CA ASN A 11 23.63 1.42 14.88
C ASN A 11 23.12 1.21 16.31
N ILE A 12 22.51 0.06 16.60
CA ILE A 12 21.94 -0.23 17.92
C ILE A 12 22.96 -1.04 18.74
N THR A 13 23.06 -0.77 20.05
CA THR A 13 23.86 -1.64 20.93
C THR A 13 23.02 -2.84 21.41
N GLY A 14 23.65 -3.83 22.04
CA GLY A 14 22.95 -4.97 22.63
C GLY A 14 21.87 -4.57 23.62
N VAL A 15 22.19 -3.55 24.49
CA VAL A 15 21.26 -3.05 25.53
C VAL A 15 20.08 -2.42 24.87
N GLU A 16 20.33 -1.55 23.86
CA GLU A 16 19.24 -0.91 23.12
C GLU A 16 18.36 -1.97 22.43
N ALA A 17 18.96 -3.01 21.85
CA ALA A 17 18.21 -4.12 21.26
C ALA A 17 17.32 -4.87 22.28
N GLU A 18 17.87 -5.19 23.47
CA GLU A 18 17.06 -5.80 24.53
C GLU A 18 15.89 -4.95 24.93
N ASN A 19 16.14 -3.68 25.17
CA ASN A 19 15.09 -2.77 25.61
C ASN A 19 14.04 -2.58 24.54
N LEU A 20 14.46 -2.55 23.26
CA LEU A 20 13.50 -2.47 22.14
C LEU A 20 12.58 -3.65 22.14
N LEU A 21 13.16 -4.86 22.26
CA LEU A 21 12.37 -6.10 22.19
C LEU A 21 11.45 -6.23 23.42
N LEU A 22 11.92 -5.76 24.57
CA LEU A 22 11.14 -5.87 25.80
C LEU A 22 10.02 -4.82 25.85
N THR A 23 10.23 -3.59 25.30
CA THR A 23 9.21 -2.53 25.34
C THR A 23 8.32 -2.46 24.10
N ARG A 24 8.85 -2.77 22.90
CA ARG A 24 8.09 -2.68 21.65
C ARG A 24 7.80 -4.01 20.97
N GLY A 25 8.44 -5.11 21.42
CA GLY A 25 8.15 -6.42 20.84
C GLY A 25 7.32 -7.32 21.75
N VAL A 26 7.01 -8.50 21.25
CA VAL A 26 6.35 -9.58 21.98
C VAL A 26 7.15 -10.87 21.75
N ASP A 27 6.73 -12.01 22.37
CA ASP A 27 7.43 -13.26 22.14
C ASP A 27 7.34 -13.61 20.62
N GLY A 28 8.47 -13.96 20.04
CA GLY A 28 8.56 -14.18 18.60
C GLY A 28 9.16 -12.99 17.87
N SER A 29 9.26 -11.80 18.54
CA SER A 29 9.85 -10.60 17.94
C SER A 29 11.34 -10.75 17.80
N PHE A 30 11.91 -10.16 16.74
CA PHE A 30 13.36 -10.30 16.51
C PHE A 30 13.92 -9.17 15.68
N LEU A 31 15.22 -8.97 15.83
CA LEU A 31 15.97 -8.07 15.00
C LEU A 31 17.38 -8.64 14.81
N ALA A 32 18.09 -8.15 13.80
CA ALA A 32 19.51 -8.48 13.62
C ALA A 32 20.31 -7.20 13.70
N ARG A 33 21.58 -7.28 14.07
CA ARG A 33 22.44 -6.12 14.26
C ARG A 33 23.89 -6.49 14.10
N PRO A 34 24.78 -5.55 13.73
CA PRO A 34 26.21 -5.89 13.68
C PRO A 34 26.90 -5.78 15.05
N SER A 35 28.15 -6.23 15.15
CA SER A 35 29.14 -5.70 16.13
C SER A 35 30.03 -4.70 15.36
N LYS A 36 30.14 -3.47 15.83
CA LYS A 36 31.09 -2.50 15.25
C LYS A 36 32.54 -2.69 15.71
N SER A 37 32.74 -3.41 16.83
CA SER A 37 34.07 -3.71 17.34
C SER A 37 34.71 -4.94 16.71
N ASN A 38 33.90 -5.86 16.14
CA ASN A 38 34.43 -7.17 15.74
C ASN A 38 34.19 -7.38 14.23
N PRO A 39 35.21 -7.72 13.40
CA PRO A 39 34.91 -8.04 11.99
C PRO A 39 33.93 -9.20 11.84
N GLY A 40 32.85 -8.95 11.11
CA GLY A 40 32.00 -10.00 10.61
C GLY A 40 31.14 -10.69 11.64
N ASP A 41 31.01 -10.09 12.82
CA ASP A 41 30.19 -10.67 13.85
C ASP A 41 28.85 -9.93 13.81
N PHE A 42 27.80 -10.69 13.94
CA PHE A 42 26.42 -10.22 13.90
C PHE A 42 25.65 -10.95 15.00
N THR A 43 24.50 -10.37 15.38
CA THR A 43 23.64 -10.95 16.38
C THR A 43 22.23 -10.93 15.92
N LEU A 44 21.54 -12.05 16.07
CA LEU A 44 20.11 -12.17 15.96
C LEU A 44 19.55 -12.10 17.40
N SER A 45 18.86 -11.01 17.73
CA SER A 45 18.26 -10.82 19.05
C SER A 45 16.78 -11.17 18.97
N VAL A 46 16.32 -12.10 19.81
CA VAL A 46 14.99 -12.69 19.73
C VAL A 46 14.33 -12.67 21.13
N ARG A 47 13.07 -12.23 21.19
CA ARG A 47 12.27 -12.39 22.39
C ARG A 47 11.56 -13.76 22.48
N ARG A 48 11.74 -14.46 23.63
CA ARG A 48 11.14 -15.78 23.87
C ARG A 48 10.79 -15.83 25.38
N ASN A 49 9.55 -16.12 25.74
CA ASN A 49 9.09 -16.13 27.16
C ASN A 49 9.50 -14.85 27.98
N GLY A 50 9.15 -13.67 27.49
CA GLY A 50 9.42 -12.40 28.14
C GLY A 50 10.87 -12.05 28.39
N ALA A 51 11.82 -12.79 27.78
CA ALA A 51 13.26 -12.49 27.92
C ALA A 51 13.91 -12.46 26.52
N VAL A 52 15.11 -11.86 26.40
CA VAL A 52 15.80 -11.73 25.12
C VAL A 52 16.97 -12.64 25.06
N THR A 53 17.07 -13.39 23.95
CA THR A 53 18.23 -14.18 23.65
C THR A 53 19.00 -13.59 22.45
N HIS A 54 20.33 -13.65 22.51
CA HIS A 54 21.21 -13.12 21.50
C HIS A 54 21.95 -14.26 20.85
N ILE A 55 21.72 -14.49 19.57
CA ILE A 55 22.32 -15.60 18.84
C ILE A 55 23.39 -15.07 17.89
N LYS A 56 24.57 -15.65 18.00
CA LYS A 56 25.72 -15.21 17.27
C LYS A 56 25.68 -15.75 15.84
N ILE A 57 26.08 -14.91 14.93
CA ILE A 57 26.27 -15.24 13.52
C ILE A 57 27.63 -14.72 13.18
N GLN A 58 28.49 -15.61 12.66
CA GLN A 58 29.81 -15.24 12.28
C GLN A 58 29.92 -15.31 10.75
N ASN A 59 30.69 -14.40 10.20
CA ASN A 59 31.11 -14.47 8.78
C ASN A 59 32.58 -14.12 8.64
N THR A 60 33.47 -15.08 8.29
CA THR A 60 34.87 -14.73 7.98
C THR A 60 35.19 -14.54 6.52
N GLY A 61 34.16 -14.67 5.67
CA GLY A 61 34.32 -14.44 4.26
C GLY A 61 33.60 -15.44 3.38
N ASP A 62 33.09 -16.60 3.92
CA ASP A 62 32.53 -17.67 3.07
C ASP A 62 31.01 -17.76 3.11
N TYR A 63 30.42 -17.40 4.24
CA TYR A 63 29.00 -17.56 4.52
C TYR A 63 28.70 -17.02 5.93
N TYR A 64 27.44 -16.79 6.17
CA TYR A 64 26.93 -16.50 7.53
C TYR A 64 26.68 -17.81 8.24
N ASP A 65 27.37 -17.98 9.34
CA ASP A 65 27.25 -19.18 10.15
C ASP A 65 26.51 -18.84 11.44
N LEU A 66 25.23 -19.31 11.52
CA LEU A 66 24.36 -19.01 12.64
C LEU A 66 24.63 -20.10 13.70
N TYR A 67 25.01 -19.68 14.92
CA TYR A 67 25.26 -20.64 16.01
C TYR A 67 23.99 -21.53 16.27
N GLY A 68 24.15 -22.85 16.27
CA GLY A 68 23.02 -23.76 16.49
C GLY A 68 21.98 -23.72 15.40
N GLY A 69 22.41 -23.31 14.21
CA GLY A 69 21.57 -23.38 13.04
C GLY A 69 22.43 -23.62 11.85
N GLU A 70 22.03 -23.04 10.76
CA GLU A 70 22.61 -23.41 9.48
C GLU A 70 23.44 -22.27 8.90
N LYS A 71 24.06 -22.54 7.75
CA LYS A 71 24.88 -21.56 7.05
C LYS A 71 24.07 -20.92 5.94
N PHE A 72 24.25 -19.60 5.74
CA PHE A 72 23.40 -18.83 4.82
C PHE A 72 24.22 -17.89 3.94
N ALA A 73 23.69 -17.56 2.76
CA ALA A 73 24.32 -16.63 1.84
C ALA A 73 24.12 -15.18 2.22
N THR A 74 22.95 -14.85 2.82
CA THR A 74 22.66 -13.49 3.25
C THR A 74 21.80 -13.56 4.52
N LEU A 75 21.83 -12.48 5.29
CA LEU A 75 20.90 -12.40 6.43
C LEU A 75 19.47 -12.37 6.01
N ALA A 76 19.16 -11.73 4.88
CA ALA A 76 17.76 -11.78 4.36
C ALA A 76 17.31 -13.20 4.03
N GLU A 77 18.17 -14.03 3.40
CA GLU A 77 17.87 -15.43 3.19
C GLU A 77 17.75 -16.23 4.50
N LEU A 78 18.57 -15.93 5.49
CA LEU A 78 18.50 -16.55 6.82
C LEU A 78 17.11 -16.26 7.44
N VAL A 79 16.70 -15.02 7.42
CA VAL A 79 15.45 -14.59 8.05
C VAL A 79 14.27 -15.23 7.31
N GLN A 80 14.28 -15.23 5.96
CA GLN A 80 13.25 -15.89 5.18
C GLN A 80 13.15 -17.38 5.51
N TYR A 81 14.27 -18.09 5.62
CA TYR A 81 14.28 -19.51 5.94
C TYR A 81 13.58 -19.83 7.27
N TYR A 82 13.95 -19.13 8.32
CA TYR A 82 13.45 -19.42 9.67
C TYR A 82 12.03 -18.92 9.88
N MET A 83 11.61 -17.86 9.18
CA MET A 83 10.23 -17.42 9.25
C MET A 83 9.29 -18.47 8.65
N GLU A 84 9.76 -19.29 7.69
CA GLU A 84 8.97 -20.35 7.09
C GLU A 84 9.20 -21.71 7.82
N HIS A 85 10.35 -21.94 8.47
CA HIS A 85 10.70 -23.22 9.11
C HIS A 85 10.75 -23.15 10.66
N HIS A 86 9.59 -23.04 11.32
CA HIS A 86 9.54 -23.11 12.78
C HIS A 86 9.98 -24.49 13.28
N GLY A 87 10.54 -24.51 14.49
CA GLY A 87 11.15 -25.71 15.05
C GLY A 87 12.61 -25.90 14.70
N GLN A 88 13.10 -25.19 13.64
CA GLN A 88 14.45 -25.38 13.14
C GLN A 88 15.50 -24.52 13.84
N LEU A 89 15.16 -23.31 14.33
CA LEU A 89 16.14 -22.52 15.09
C LEU A 89 16.10 -22.92 16.56
N LYS A 90 17.25 -23.42 17.10
CA LYS A 90 17.30 -24.02 18.44
C LYS A 90 18.41 -23.44 19.31
N GLU A 91 18.15 -23.42 20.61
CA GLU A 91 19.10 -23.05 21.65
C GLU A 91 20.08 -24.18 21.83
N LYS A 92 21.15 -23.93 22.58
CA LYS A 92 22.12 -24.96 22.94
C LYS A 92 21.44 -26.21 23.57
N ASN A 93 20.52 -25.97 24.53
CA ASN A 93 19.76 -27.05 25.18
C ASN A 93 18.63 -27.70 24.33
N GLY A 94 18.53 -27.33 23.03
CA GLY A 94 17.51 -27.84 22.11
C GLY A 94 16.20 -27.09 22.07
N ASP A 95 15.97 -26.10 22.96
CA ASP A 95 14.71 -25.36 22.96
C ASP A 95 14.52 -24.56 21.64
N VAL A 96 13.34 -24.68 20.99
CA VAL A 96 13.06 -23.98 19.72
C VAL A 96 12.86 -22.49 19.99
N ILE A 97 13.54 -21.67 19.21
CA ILE A 97 13.46 -20.22 19.18
C ILE A 97 12.65 -19.89 17.92
N GLU A 98 11.53 -19.20 18.08
CA GLU A 98 10.65 -18.90 16.96
C GLU A 98 10.93 -17.49 16.46
N LEU A 99 11.14 -17.32 15.15
CA LEU A 99 11.22 -16.00 14.54
C LEU A 99 9.83 -15.74 13.93
N LYS A 100 9.06 -14.88 14.54
CA LYS A 100 7.68 -14.55 14.08
C LYS A 100 7.52 -13.10 13.59
N TYR A 101 8.05 -12.10 14.35
CA TYR A 101 7.69 -10.69 14.19
C TYR A 101 8.92 -9.82 14.02
N PRO A 102 9.29 -9.50 12.76
CA PRO A 102 10.42 -8.60 12.55
C PRO A 102 10.18 -7.28 13.29
N LEU A 103 11.15 -6.78 14.03
CA LEU A 103 11.02 -5.51 14.73
C LEU A 103 11.74 -4.49 13.88
N ASN A 104 10.98 -3.58 13.28
CA ASN A 104 11.55 -2.67 12.29
C ASN A 104 12.30 -1.52 12.87
N CYS A 105 13.34 -1.11 12.14
CA CYS A 105 14.26 -0.06 12.43
C CYS A 105 13.86 1.23 11.69
N ALA A 106 13.87 2.37 12.41
CA ALA A 106 13.52 3.67 11.84
C ALA A 106 14.77 4.39 11.24
N ASP A 107 15.99 3.97 11.61
CA ASP A 107 17.24 4.58 11.17
C ASP A 107 17.35 4.68 9.67
N PRO A 108 17.37 5.91 9.11
CA PRO A 108 17.40 6.06 7.65
C PRO A 108 18.76 5.85 6.99
N THR A 109 19.81 5.63 7.76
CA THR A 109 21.16 5.62 7.21
C THR A 109 21.41 4.40 6.32
N SER A 110 20.60 3.34 6.39
CA SER A 110 20.72 2.18 5.48
C SER A 110 20.08 2.44 4.11
N GLU A 111 19.38 3.60 3.91
CA GLU A 111 18.62 3.88 2.72
C GLU A 111 19.48 4.66 1.73
N ARG A 112 19.38 4.32 0.43
CA ARG A 112 20.23 4.95 -0.61
C ARG A 112 19.95 6.45 -0.79
N TRP A 113 18.71 6.83 -0.52
CA TRP A 113 18.25 8.21 -0.66
C TRP A 113 18.59 9.10 0.51
N PHE A 114 19.11 8.57 1.63
CA PHE A 114 19.45 9.39 2.76
C PHE A 114 20.87 9.95 2.68
N HIS A 115 21.01 11.29 2.63
CA HIS A 115 22.29 12.01 2.61
C HIS A 115 22.68 12.77 3.90
N GLY A 116 21.85 12.75 4.94
CA GLY A 116 22.12 13.46 6.19
C GLY A 116 22.54 14.92 6.02
N HIS A 117 23.76 15.27 6.49
CA HIS A 117 24.19 16.68 6.48
C HIS A 117 24.46 17.12 5.05
N LEU A 118 23.66 18.05 4.53
CA LEU A 118 23.76 18.44 3.12
C LEU A 118 22.87 19.64 2.87
N SER A 119 23.43 20.72 2.35
CA SER A 119 22.66 21.94 2.14
C SER A 119 21.73 21.81 0.93
N GLY A 120 20.81 22.74 0.81
CA GLY A 120 19.94 22.82 -0.36
C GLY A 120 20.68 23.15 -1.62
N LYS A 121 21.77 23.95 -1.50
CA LYS A 121 22.58 24.35 -2.64
C LYS A 121 23.39 23.14 -3.11
N GLU A 122 24.03 22.40 -2.18
CA GLU A 122 24.71 21.13 -2.46
C GLU A 122 23.75 20.06 -3.05
N ALA A 123 22.51 19.91 -2.52
CA ALA A 123 21.56 18.97 -3.07
C ALA A 123 21.17 19.38 -4.47
N GLU A 124 20.98 20.71 -4.71
CA GLU A 124 20.63 21.16 -6.05
C GLU A 124 21.75 20.88 -7.05
N LYS A 125 23.00 21.08 -6.64
CA LYS A 125 24.14 20.89 -7.54
C LYS A 125 24.30 19.41 -7.86
N LEU A 126 24.19 18.53 -6.85
CA LEU A 126 24.23 17.08 -7.08
C LEU A 126 23.09 16.62 -7.97
N LEU A 127 21.83 17.02 -7.69
CA LEU A 127 20.72 16.67 -8.56
C LEU A 127 20.82 17.22 -9.95
N THR A 128 21.41 18.42 -10.10
CA THR A 128 21.62 19.01 -11.43
C THR A 128 22.66 18.18 -12.19
N GLU A 129 23.78 17.89 -11.56
CA GLU A 129 24.90 17.24 -12.25
C GLU A 129 24.70 15.76 -12.52
N LYS A 130 24.15 15.01 -11.55
CA LYS A 130 24.02 13.54 -11.65
C LYS A 130 22.59 13.07 -11.80
N GLY A 131 21.61 13.90 -11.41
CA GLY A 131 20.22 13.48 -11.37
C GLY A 131 19.53 13.56 -12.69
N LYS A 132 18.36 12.98 -12.68
CA LYS A 132 17.48 12.73 -13.81
C LYS A 132 16.05 13.03 -13.32
N HIS A 133 15.02 13.01 -14.20
CA HIS A 133 13.63 13.19 -13.76
C HIS A 133 13.29 12.10 -12.72
N GLY A 134 12.81 12.52 -11.58
CA GLY A 134 12.45 11.64 -10.49
C GLY A 134 13.57 11.24 -9.56
N SER A 135 14.81 11.76 -9.76
CA SER A 135 15.87 11.58 -8.76
C SER A 135 15.59 12.34 -7.49
N PHE A 136 15.72 11.68 -6.35
CA PHE A 136 15.44 12.31 -5.08
C PHE A 136 16.43 11.93 -4.01
N LEU A 137 16.39 12.68 -2.92
CA LEU A 137 17.16 12.45 -1.73
C LEU A 137 16.43 13.09 -0.54
N VAL A 138 16.78 12.64 0.64
CA VAL A 138 16.32 13.20 1.88
C VAL A 138 17.62 13.64 2.60
N ARG A 139 17.58 14.82 3.21
CA ARG A 139 18.69 15.38 3.99
C ARG A 139 18.18 16.03 5.31
N GLU A 140 19.05 16.28 6.22
CA GLU A 140 18.74 17.05 7.43
C GLU A 140 18.46 18.51 7.08
N SER A 141 17.58 19.16 7.87
CA SER A 141 17.36 20.61 7.70
C SER A 141 18.50 21.33 8.40
N GLN A 142 18.95 22.41 7.78
CA GLN A 142 19.96 23.28 8.38
C GLN A 142 19.25 24.45 9.08
N SER A 143 18.19 25.00 8.44
CA SER A 143 17.30 26.01 9.03
C SER A 143 16.60 25.53 10.33
N HIS A 144 15.94 24.35 10.27
CA HIS A 144 15.08 23.83 11.34
C HIS A 144 15.74 22.59 11.93
N PRO A 145 16.63 22.71 12.94
CA PRO A 145 17.26 21.51 13.52
C PRO A 145 16.26 20.40 13.88
N GLY A 146 16.59 19.17 13.47
CA GLY A 146 15.77 17.98 13.75
C GLY A 146 14.75 17.64 12.68
N ASP A 147 14.44 18.57 11.77
CA ASP A 147 13.58 18.33 10.64
C ASP A 147 14.41 17.82 9.45
N PHE A 148 13.75 17.47 8.35
CA PHE A 148 14.40 16.91 7.17
C PHE A 148 13.88 17.63 5.95
N VAL A 149 14.54 17.44 4.82
CA VAL A 149 14.04 17.97 3.56
C VAL A 149 14.08 16.85 2.53
N LEU A 150 13.00 16.70 1.77
CA LEU A 150 13.00 15.89 0.56
C LEU A 150 13.27 16.79 -0.66
N SER A 151 14.35 16.50 -1.43
CA SER A 151 14.68 17.25 -2.66
C SER A 151 14.61 16.36 -3.91
N VAL A 152 13.87 16.82 -4.93
CA VAL A 152 13.45 16.00 -6.05
C VAL A 152 13.63 16.78 -7.34
N ARG A 153 14.34 16.18 -8.29
CA ARG A 153 14.45 16.75 -9.63
C ARG A 153 13.28 16.25 -10.47
N THR A 154 12.56 17.16 -11.13
CA THR A 154 11.56 16.80 -12.15
C THR A 154 11.92 17.56 -13.42
N GLY A 155 11.67 16.94 -14.56
CA GLY A 155 11.96 17.58 -15.82
C GLY A 155 11.82 16.66 -16.99
N ASP A 156 12.68 16.89 -17.99
CA ASP A 156 12.54 16.29 -19.31
C ASP A 156 13.59 15.16 -19.45
N ASP A 157 14.88 15.50 -19.67
CA ASP A 157 15.93 14.50 -19.91
C ASP A 157 16.72 14.27 -18.62
N ASN A 162 20.87 23.02 -19.49
CA ASN A 162 20.13 23.75 -18.47
C ASN A 162 19.28 24.89 -19.08
N ASP A 163 18.09 24.55 -19.62
CA ASP A 163 17.18 25.53 -20.23
C ASP A 163 15.79 25.65 -19.54
N GLY A 164 15.73 25.39 -18.25
CA GLY A 164 14.50 25.54 -17.48
C GLY A 164 13.46 24.46 -17.70
N LYS A 165 13.73 23.52 -18.61
CA LYS A 165 12.87 22.34 -18.82
C LYS A 165 12.86 21.37 -17.60
N SER A 166 13.89 21.45 -16.71
CA SER A 166 13.88 20.70 -15.44
C SER A 166 14.11 21.64 -14.26
N LYS A 167 13.77 21.18 -13.04
CA LYS A 167 13.90 21.91 -11.78
C LYS A 167 14.13 20.98 -10.56
N VAL A 168 14.53 21.54 -9.41
CA VAL A 168 14.54 20.86 -8.11
C VAL A 168 13.44 21.51 -7.20
N THR A 169 12.66 20.69 -6.47
CA THR A 169 11.68 21.10 -5.46
C THR A 169 12.14 20.54 -4.12
N HIS A 170 12.09 21.37 -3.08
CA HIS A 170 12.40 20.97 -1.72
C HIS A 170 11.10 20.91 -0.93
N VAL A 171 10.89 19.82 -0.21
CA VAL A 171 9.70 19.57 0.57
C VAL A 171 10.13 19.39 2.00
N MET A 172 9.66 20.30 2.88
CA MET A 172 10.01 20.19 4.26
C MET A 172 9.33 19.00 4.89
N ILE A 173 10.08 18.28 5.72
CA ILE A 173 9.60 17.13 6.47
C ILE A 173 9.79 17.50 7.90
N ARG A 174 8.69 17.72 8.62
CA ARG A 174 8.76 17.97 10.06
C ARG A 174 8.89 16.69 10.83
N CYS A 175 9.70 16.70 11.89
CA CYS A 175 9.77 15.62 12.84
C CYS A 175 9.13 16.16 14.10
N GLN A 176 7.98 15.59 14.49
CA GLN A 176 7.25 15.99 15.68
C GLN A 176 6.97 14.70 16.46
N GLU A 177 7.55 14.58 17.66
CA GLU A 177 7.36 13.42 18.55
C GLU A 177 7.75 12.09 17.88
N LEU A 178 8.90 12.07 17.22
CA LEU A 178 9.46 10.91 16.51
C LEU A 178 8.59 10.37 15.40
N LYS A 179 7.70 11.22 14.84
CA LYS A 179 6.99 10.94 13.63
C LYS A 179 7.24 12.04 12.61
N TYR A 180 7.14 11.69 11.34
CA TYR A 180 7.53 12.52 10.18
C TYR A 180 6.33 12.85 9.35
N ASP A 181 6.25 14.09 8.88
CA ASP A 181 5.15 14.50 7.99
C ASP A 181 5.57 15.65 7.07
N VAL A 182 4.84 15.85 6.00
CA VAL A 182 5.14 16.91 5.04
C VAL A 182 4.19 18.15 5.22
N GLY A 183 3.74 18.40 6.44
CA GLY A 183 2.93 19.58 6.75
C GLY A 183 1.46 19.32 6.97
N GLY A 184 1.01 18.13 6.61
CA GLY A 184 -0.38 17.71 6.73
C GLY A 184 -0.54 16.24 6.37
N GLY A 185 -1.68 15.65 6.70
CA GLY A 185 -2.02 14.28 6.39
C GLY A 185 -1.46 13.28 7.38
N GLU A 186 -0.83 12.22 6.87
CA GLU A 186 -0.29 11.13 7.69
C GLU A 186 1.01 11.50 8.39
N ARG A 187 1.19 10.96 9.58
CA ARG A 187 2.42 11.08 10.33
C ARG A 187 3.04 9.68 10.35
N PHE A 188 4.26 9.60 9.87
CA PHE A 188 4.97 8.33 9.66
C PHE A 188 5.93 8.00 10.77
N ASP A 189 6.04 6.70 11.09
CA ASP A 189 6.93 6.22 12.14
C ASP A 189 8.40 6.28 11.75
N SER A 190 8.72 6.40 10.44
CA SER A 190 10.10 6.63 10.04
C SER A 190 10.13 7.37 8.70
N LEU A 191 11.29 7.93 8.37
CA LEU A 191 11.48 8.49 7.03
C LEU A 191 11.25 7.46 5.92
N THR A 192 11.68 6.19 6.13
CA THR A 192 11.38 5.10 5.19
C THR A 192 9.91 4.97 4.89
N ASP A 193 9.04 4.93 5.94
CA ASP A 193 7.61 4.79 5.71
C ASP A 193 7.07 6.00 4.90
N LEU A 194 7.59 7.21 5.21
CA LEU A 194 7.19 8.43 4.50
C LEU A 194 7.58 8.32 3.05
N VAL A 195 8.84 7.98 2.76
CA VAL A 195 9.32 7.93 1.37
C VAL A 195 8.56 6.87 0.60
N GLU A 196 8.36 5.68 1.21
CA GLU A 196 7.62 4.61 0.55
C GLU A 196 6.19 5.00 0.21
N HIS A 197 5.51 5.69 1.11
CA HIS A 197 4.17 6.20 0.86
C HIS A 197 4.15 7.16 -0.33
N TYR A 198 5.11 8.10 -0.38
CA TYR A 198 5.09 9.11 -1.42
C TYR A 198 5.75 8.58 -2.73
N LYS A 199 6.44 7.42 -2.70
CA LYS A 199 6.83 6.68 -3.92
C LYS A 199 5.60 6.07 -4.60
N LYS A 200 4.59 5.62 -3.82
CA LYS A 200 3.37 5.02 -4.35
C LYS A 200 2.31 6.06 -4.67
N ASN A 201 2.22 7.11 -3.84
CA ASN A 201 1.21 8.16 -3.94
C ASN A 201 1.96 9.48 -4.05
N PRO A 202 2.54 9.80 -5.23
CA PRO A 202 3.34 11.02 -5.33
C PRO A 202 2.60 12.32 -5.04
N MET A 203 3.30 13.24 -4.36
CA MET A 203 2.80 14.60 -4.12
C MET A 203 2.57 15.32 -5.44
N VAL A 204 1.54 16.17 -5.48
CA VAL A 204 1.19 16.94 -6.66
C VAL A 204 1.22 18.41 -6.21
N GLU A 205 1.90 19.25 -6.99
CA GLU A 205 1.98 20.68 -6.71
C GLU A 205 0.64 21.31 -7.09
N THR A 206 0.34 22.50 -6.54
CA THR A 206 -0.87 23.31 -6.85
C THR A 206 -1.11 23.40 -8.37
N LEU A 207 -0.03 23.68 -9.11
CA LEU A 207 -0.11 23.85 -10.57
C LEU A 207 0.16 22.60 -11.40
N GLY A 208 0.31 21.44 -10.75
CA GLY A 208 0.17 20.15 -11.43
C GLY A 208 1.39 19.26 -11.54
N THR A 209 2.59 19.74 -11.18
CA THR A 209 3.80 18.93 -11.24
C THR A 209 3.64 17.78 -10.24
N VAL A 210 3.88 16.58 -10.72
CA VAL A 210 3.86 15.36 -9.89
C VAL A 210 5.30 15.16 -9.44
N LEU A 211 5.54 15.17 -8.15
CA LEU A 211 6.88 14.95 -7.60
C LEU A 211 7.15 13.45 -7.47
N GLN A 212 7.36 12.83 -8.65
CA GLN A 212 7.68 11.40 -8.75
C GLN A 212 9.03 11.10 -8.09
N LEU A 213 9.03 10.17 -7.14
CA LEU A 213 10.27 9.66 -6.53
C LEU A 213 10.65 8.35 -7.23
N LYS A 214 11.44 8.47 -8.27
CA LYS A 214 11.69 7.41 -9.24
C LYS A 214 12.96 6.64 -8.84
N GLN A 215 14.04 7.35 -8.48
CA GLN A 215 15.28 6.71 -8.09
C GLN A 215 16.07 7.56 -7.16
N PRO A 216 16.78 6.97 -6.17
CA PRO A 216 17.62 7.79 -5.31
C PRO A 216 18.74 8.42 -6.12
N LEU A 217 19.27 9.55 -5.63
CA LEU A 217 20.47 10.12 -6.20
C LEU A 217 21.63 9.13 -6.03
N ASN A 218 22.45 8.97 -7.07
CA ASN A 218 23.60 8.10 -7.02
C ASN A 218 24.77 8.87 -6.43
N THR A 219 25.38 8.33 -5.38
CA THR A 219 26.54 8.89 -4.70
C THR A 219 27.81 7.99 -4.82
N THR A 220 27.70 6.82 -5.45
CA THR A 220 28.79 5.82 -5.39
C THR A 220 29.57 5.72 -6.67
N ARG A 221 28.93 6.05 -7.81
CA ARG A 221 29.62 6.12 -9.09
C ARG A 221 30.67 7.20 -9.04
N ILE A 222 31.91 6.84 -9.33
CA ILE A 222 33.09 7.70 -9.30
C ILE A 222 33.79 7.58 -10.63
N ASN A 223 34.58 8.59 -10.99
CA ASN A 223 35.49 8.45 -12.10
C ASN A 223 36.67 7.62 -11.59
N ALA A 224 37.18 6.70 -12.39
CA ALA A 224 38.21 5.76 -11.95
C ALA A 224 39.53 6.43 -11.59
N ALA A 225 39.88 7.54 -12.29
CA ALA A 225 41.08 8.29 -11.95
C ALA A 225 40.94 8.97 -10.55
N GLU A 226 39.69 9.16 -10.03
CA GLU A 226 39.43 9.71 -8.70
C GLU A 226 39.43 8.64 -7.58
N ILE A 227 39.84 7.39 -7.87
CA ILE A 227 39.69 6.29 -6.91
C ILE A 227 40.42 6.53 -5.59
N GLU A 228 41.66 7.01 -5.64
CA GLU A 228 42.50 7.26 -4.48
C GLU A 228 41.83 8.24 -3.49
N SER A 229 41.11 9.27 -4.00
CA SER A 229 40.48 10.26 -3.15
C SER A 229 39.18 9.70 -2.58
N ARG A 230 38.43 8.89 -3.36
CA ARG A 230 37.26 8.19 -2.80
C ARG A 230 37.71 7.23 -1.65
N VAL A 231 38.74 6.47 -1.88
CA VAL A 231 39.27 5.53 -0.88
C VAL A 231 39.76 6.28 0.36
N ARG A 232 40.50 7.39 0.16
CA ARG A 232 40.86 8.28 1.27
C ARG A 232 39.63 8.74 2.10
N GLU A 233 38.58 9.24 1.44
CA GLU A 233 37.34 9.65 2.12
C GLU A 233 36.65 8.49 2.86
N LEU A 234 36.54 7.30 2.21
CA LEU A 234 35.92 6.14 2.82
C LEU A 234 36.75 5.55 3.97
N SER A 235 38.06 5.79 3.99
CA SER A 235 38.94 5.30 5.05
C SER A 235 38.89 6.12 6.34
N LYS A 236 38.18 7.27 6.37
CA LYS A 236 37.82 8.06 7.57
C LYS A 236 38.64 7.78 8.84
N GLY A 247 33.85 5.36 6.62
CA GLY A 247 33.01 5.65 5.48
C GLY A 247 32.71 4.37 4.70
N PHE A 248 33.67 3.44 4.62
CA PHE A 248 33.44 2.11 4.03
C PHE A 248 32.28 1.37 4.70
N TRP A 249 32.24 1.42 6.07
CA TRP A 249 31.22 0.73 6.87
C TRP A 249 29.82 1.16 6.42
N GLU A 250 29.62 2.47 6.27
CA GLU A 250 28.31 3.01 5.96
C GLU A 250 27.93 2.74 4.51
N GLU A 251 28.89 2.82 3.58
CA GLU A 251 28.60 2.53 2.18
C GLU A 251 28.21 1.03 2.02
N PHE A 252 28.93 0.13 2.73
CA PHE A 252 28.63 -1.28 2.73
C PHE A 252 27.26 -1.58 3.32
N GLU A 253 26.87 -0.89 4.45
CA GLU A 253 25.54 -1.08 5.02
C GLU A 253 24.46 -0.75 4.02
N THR A 254 24.61 0.35 3.26
CA THR A 254 23.61 0.79 2.30
C THR A 254 23.47 -0.24 1.19
N LEU A 255 24.60 -0.77 0.70
CA LEU A 255 24.57 -1.88 -0.24
C LEU A 255 23.87 -3.13 0.32
N GLN A 256 24.24 -3.53 1.56
CA GLN A 256 23.68 -4.71 2.19
C GLN A 256 22.17 -4.66 2.32
N GLN A 257 21.60 -3.50 2.67
CA GLN A 257 20.13 -3.31 2.71
C GLN A 257 19.43 -3.73 1.44
N GLN A 258 20.11 -3.55 0.30
CA GLN A 258 19.53 -3.86 -1.01
CA GLN A 258 19.52 -3.84 -1.01
C GLN A 258 19.39 -5.37 -1.29
N GLU A 259 20.03 -6.22 -0.48
CA GLU A 259 19.87 -7.67 -0.61
C GLU A 259 18.43 -8.09 -0.36
N CYS A 260 17.62 -7.29 0.37
CA CYS A 260 16.24 -7.62 0.60
C CYS A 260 15.45 -7.67 -0.72
N LYS A 261 15.93 -7.02 -1.79
CA LYS A 261 15.30 -7.06 -3.13
C LYS A 261 15.64 -8.36 -3.89
N LEU A 262 16.51 -9.25 -3.34
CA LEU A 262 17.10 -10.32 -4.13
C LEU A 262 16.70 -11.72 -3.66
N LEU A 263 15.51 -11.82 -3.01
CA LEU A 263 15.02 -13.11 -2.57
C LEU A 263 14.36 -13.89 -3.68
N TYR A 264 15.12 -14.18 -4.72
CA TYR A 264 14.69 -14.94 -5.85
C TYR A 264 14.58 -16.39 -5.59
N SER A 265 13.72 -17.07 -6.37
CA SER A 265 13.47 -18.48 -6.13
C SER A 265 14.71 -19.37 -6.41
N ARG A 266 14.80 -20.39 -5.58
CA ARG A 266 15.86 -21.40 -5.68
CA ARG A 266 15.90 -21.35 -5.57
C ARG A 266 15.25 -22.76 -5.49
N LYS A 267 14.13 -23.01 -6.19
CA LYS A 267 13.37 -24.25 -6.07
C LYS A 267 14.09 -25.46 -6.54
N GLU A 268 14.88 -25.38 -7.64
CA GLU A 268 15.57 -26.55 -8.12
C GLU A 268 16.56 -27.09 -7.08
N GLY A 269 17.34 -26.20 -6.47
CA GLY A 269 18.30 -26.57 -5.44
C GLY A 269 17.69 -27.17 -4.17
N GLN A 270 16.41 -26.85 -3.93
CA GLN A 270 15.61 -27.36 -2.79
C GLN A 270 15.01 -28.76 -3.01
N ARG A 271 15.08 -29.33 -4.25
CA ARG A 271 14.50 -30.66 -4.49
C ARG A 271 15.31 -31.74 -3.80
N GLN A 272 14.63 -32.75 -3.19
CA GLN A 272 15.24 -33.92 -2.52
C GLN A 272 16.37 -34.51 -3.33
N GLU A 273 16.13 -34.66 -4.65
CA GLU A 273 17.05 -35.26 -5.61
C GLU A 273 18.36 -34.44 -5.71
N ASN A 274 18.30 -33.15 -5.42
CA ASN A 274 19.43 -32.24 -5.49
C ASN A 274 20.06 -31.88 -4.15
N LYS A 275 19.40 -32.21 -3.03
CA LYS A 275 19.86 -31.79 -1.70
C LYS A 275 21.33 -32.12 -1.43
N ASN A 276 21.77 -33.32 -1.78
CA ASN A 276 23.14 -33.76 -1.52
C ASN A 276 24.16 -33.34 -2.59
N LYS A 277 23.72 -32.56 -3.57
CA LYS A 277 24.61 -31.92 -4.54
C LYS A 277 25.02 -30.51 -4.09
N ASN A 278 24.52 -30.05 -2.91
CA ASN A 278 24.83 -28.75 -2.32
C ASN A 278 25.80 -28.94 -1.17
N ARG A 279 26.88 -28.15 -1.16
CA ARG A 279 27.82 -28.20 -0.03
C ARG A 279 27.14 -27.77 1.27
N TYR A 280 26.32 -26.74 1.19
CA TYR A 280 25.53 -26.21 2.27
C TYR A 280 24.10 -26.18 1.81
N LYS A 281 23.21 -26.82 2.60
CA LYS A 281 21.82 -27.04 2.18
C LYS A 281 21.00 -25.77 1.83
N ASN A 282 21.32 -24.63 2.44
CA ASN A 282 20.62 -23.38 2.17
C ASN A 282 21.38 -22.39 1.30
N ILE A 283 22.58 -22.73 0.78
CA ILE A 283 23.29 -21.85 -0.15
C ILE A 283 23.09 -22.46 -1.53
N LEU A 284 22.20 -21.86 -2.26
CA LEU A 284 21.61 -22.44 -3.47
C LEU A 284 21.64 -21.49 -4.62
N PRO A 285 21.70 -22.03 -5.85
CA PRO A 285 21.70 -21.15 -7.03
C PRO A 285 20.28 -20.66 -7.34
N PHE A 286 20.15 -19.43 -7.75
CA PHE A 286 18.85 -18.92 -8.26
C PHE A 286 18.40 -19.75 -9.45
N ASP A 287 17.11 -20.12 -9.48
CA ASP A 287 16.59 -20.84 -10.67
C ASP A 287 16.85 -20.10 -11.97
N HIS A 288 16.74 -18.78 -11.96
CA HIS A 288 16.73 -17.99 -13.21
C HIS A 288 18.09 -17.85 -13.84
N THR A 289 19.16 -18.06 -13.08
CA THR A 289 20.52 -18.05 -13.61
C THR A 289 21.35 -19.33 -13.41
N ARG A 290 20.76 -20.44 -12.86
CA ARG A 290 21.53 -21.65 -12.62
C ARG A 290 21.99 -22.23 -13.94
N VAL A 291 23.08 -22.91 -13.88
CA VAL A 291 23.59 -23.64 -15.00
C VAL A 291 22.78 -24.96 -15.09
N VAL A 292 22.04 -25.13 -16.20
CA VAL A 292 21.27 -26.34 -16.45
C VAL A 292 22.10 -27.33 -17.25
N LEU A 293 22.29 -28.50 -16.73
CA LEU A 293 23.07 -29.52 -17.40
C LEU A 293 22.18 -30.40 -18.29
N HIS A 294 22.54 -30.49 -19.59
CA HIS A 294 21.79 -31.27 -20.58
C HIS A 294 22.50 -32.61 -20.85
N ASP A 295 21.89 -33.46 -21.65
CA ASP A 295 22.52 -34.72 -22.09
C ASP A 295 22.93 -35.64 -20.93
N GLY A 296 22.19 -35.61 -19.85
CA GLY A 296 22.49 -36.43 -18.68
C GLY A 296 22.12 -37.88 -18.88
N ASP A 297 22.56 -38.73 -17.93
CA ASP A 297 22.27 -40.16 -17.89
C ASP A 297 20.76 -40.36 -17.88
N PRO A 298 20.16 -41.05 -18.88
CA PRO A 298 18.70 -41.30 -18.81
C PRO A 298 18.22 -42.07 -17.58
N ASN A 299 19.12 -42.89 -16.97
CA ASN A 299 18.79 -43.66 -15.78
C ASN A 299 18.76 -42.84 -14.47
N GLU A 300 19.36 -41.63 -14.47
CA GLU A 300 19.40 -40.74 -13.31
C GLU A 300 18.20 -39.83 -13.41
N PRO A 301 17.21 -39.90 -12.51
CA PRO A 301 15.95 -39.15 -12.75
C PRO A 301 16.18 -37.64 -12.88
N VAL A 302 16.97 -37.02 -11.94
CA VAL A 302 17.35 -35.61 -12.03
C VAL A 302 18.83 -35.49 -12.30
N SER A 303 19.19 -35.24 -13.55
CA SER A 303 20.55 -35.12 -13.99
C SER A 303 20.91 -33.69 -14.48
N ASP A 304 20.06 -32.68 -14.29
CA ASP A 304 20.27 -31.34 -14.84
C ASP A 304 20.85 -30.33 -13.84
N TYR A 305 21.31 -30.78 -12.66
CA TYR A 305 21.53 -29.86 -11.53
C TYR A 305 22.95 -29.82 -11.10
N ILE A 306 23.47 -28.58 -10.94
CA ILE A 306 24.73 -28.29 -10.31
C ILE A 306 24.56 -26.94 -9.58
N ASN A 307 25.24 -26.80 -8.45
CA ASN A 307 25.16 -25.61 -7.64
C ASN A 307 26.14 -24.59 -8.27
N ALA A 308 25.60 -23.87 -9.26
CA ALA A 308 26.39 -22.98 -10.10
C ALA A 308 25.46 -22.01 -10.78
N ASN A 309 25.92 -20.81 -11.00
CA ASN A 309 25.14 -19.80 -11.74
C ASN A 309 26.03 -19.08 -12.77
N ILE A 310 25.41 -18.71 -13.88
CA ILE A 310 26.01 -17.83 -14.88
C ILE A 310 25.99 -16.44 -14.29
N ILE A 311 27.12 -15.79 -14.38
CA ILE A 311 27.23 -14.38 -14.03
C ILE A 311 27.63 -13.61 -15.31
N MET A 312 26.71 -12.80 -15.79
CA MET A 312 26.92 -11.98 -17.01
C MET A 312 27.01 -10.57 -16.56
N PRO A 313 28.12 -9.88 -16.77
CA PRO A 313 28.18 -8.47 -16.37
C PRO A 313 27.13 -7.66 -17.18
N GLU A 314 26.53 -6.66 -16.54
CA GLU A 314 25.52 -5.78 -17.17
C GLU A 314 25.72 -4.38 -16.66
N LYS A 325 34.56 -8.37 -21.53
CA LYS A 325 33.47 -8.96 -22.30
C LYS A 325 33.13 -10.42 -21.89
N LYS A 326 33.92 -11.01 -20.99
CA LYS A 326 33.72 -12.38 -20.57
C LYS A 326 32.47 -12.50 -19.68
N SER A 327 31.95 -13.71 -19.59
CA SER A 327 30.99 -14.07 -18.57
C SER A 327 31.70 -15.11 -17.65
N TYR A 328 31.05 -15.43 -16.54
CA TYR A 328 31.63 -16.29 -15.55
C TYR A 328 30.59 -17.35 -15.16
N ILE A 329 31.06 -18.46 -14.66
CA ILE A 329 30.23 -19.35 -13.86
C ILE A 329 30.77 -19.31 -12.44
N ALA A 330 29.92 -18.93 -11.49
CA ALA A 330 30.27 -19.00 -10.09
C ALA A 330 29.69 -20.28 -9.52
N THR A 331 30.54 -21.06 -8.90
CA THR A 331 30.13 -22.36 -8.38
C THR A 331 30.87 -22.68 -7.10
N GLN A 332 30.39 -23.72 -6.41
CA GLN A 332 30.98 -24.22 -5.18
C GLN A 332 32.16 -25.14 -5.46
N GLY A 333 32.96 -25.42 -4.43
CA GLY A 333 33.96 -26.46 -4.49
C GLY A 333 33.27 -27.80 -4.64
N CYS A 334 33.75 -28.67 -5.55
CA CYS A 334 33.19 -30.00 -5.76
C CYS A 334 33.06 -30.79 -4.50
N LEU A 335 31.98 -31.54 -4.45
CA LEU A 335 31.84 -32.66 -3.54
C LEU A 335 32.20 -33.94 -4.29
N GLN A 336 32.49 -35.04 -3.56
CA GLN A 336 32.89 -36.29 -4.22
C GLN A 336 31.82 -36.73 -5.25
N ASN A 337 30.54 -36.57 -4.90
CA ASN A 337 29.41 -36.88 -5.78
C ASN A 337 29.01 -35.81 -6.78
N THR A 338 29.78 -34.70 -6.92
CA THR A 338 29.50 -33.72 -7.95
C THR A 338 30.67 -33.51 -8.89
N VAL A 339 31.80 -34.24 -8.76
CA VAL A 339 32.95 -34.06 -9.65
C VAL A 339 32.54 -34.31 -11.10
N ASN A 340 31.77 -35.40 -11.35
CA ASN A 340 31.36 -35.71 -12.72
C ASN A 340 30.51 -34.61 -13.32
N ASP A 341 29.58 -34.04 -12.53
CA ASP A 341 28.72 -32.94 -12.93
C ASP A 341 29.49 -31.69 -13.21
N PHE A 342 30.54 -31.44 -12.41
CA PHE A 342 31.44 -30.30 -12.65
C PHE A 342 32.07 -30.40 -14.04
N TRP A 343 32.57 -31.58 -14.40
CA TRP A 343 33.25 -31.73 -15.71
C TRP A 343 32.21 -31.68 -16.84
N ARG A 344 31.01 -32.20 -16.62
CA ARG A 344 29.91 -32.06 -17.58
C ARG A 344 29.61 -30.58 -17.84
N MET A 345 29.59 -29.76 -16.78
CA MET A 345 29.40 -28.32 -16.90
C MET A 345 30.51 -27.66 -17.73
N VAL A 346 31.76 -27.92 -17.39
CA VAL A 346 32.89 -27.33 -18.05
C VAL A 346 32.84 -27.64 -19.57
N PHE A 347 32.59 -28.91 -19.88
CA PHE A 347 32.55 -29.36 -21.25
C PHE A 347 31.36 -28.67 -21.99
N GLN A 348 30.15 -28.77 -21.43
CA GLN A 348 28.95 -28.18 -22.05
C GLN A 348 29.06 -26.66 -22.34
N GLU A 349 29.60 -25.91 -21.38
CA GLU A 349 29.69 -24.47 -21.52
C GLU A 349 30.91 -24.00 -22.29
N ASN A 350 31.78 -24.93 -22.72
CA ASN A 350 32.98 -24.64 -23.46
C ASN A 350 33.96 -23.80 -22.66
N SER A 351 33.94 -23.92 -21.32
CA SER A 351 34.83 -23.19 -20.47
C SER A 351 36.24 -23.71 -20.69
N ARG A 352 37.17 -22.76 -20.74
CA ARG A 352 38.60 -23.03 -21.00
C ARG A 352 39.53 -22.59 -19.89
N VAL A 353 39.00 -21.86 -18.87
CA VAL A 353 39.74 -21.36 -17.74
C VAL A 353 38.88 -21.64 -16.48
N ILE A 354 39.52 -22.23 -15.47
CA ILE A 354 38.98 -22.43 -14.13
C ILE A 354 39.83 -21.62 -13.18
N VAL A 355 39.18 -20.90 -12.27
CA VAL A 355 39.80 -20.19 -11.17
C VAL A 355 39.34 -20.81 -9.90
N MET A 356 40.28 -21.40 -9.13
CA MET A 356 40.00 -22.00 -7.81
C MET A 356 40.59 -21.08 -6.76
N THR A 357 39.83 -20.63 -5.77
CA THR A 357 40.38 -19.69 -4.78
C THR A 357 40.33 -20.18 -3.34
N THR A 358 40.45 -21.45 -3.16
CA THR A 358 40.66 -22.11 -1.85
C THR A 358 41.74 -23.17 -2.02
N LYS A 359 42.48 -23.47 -0.93
CA LYS A 359 43.11 -24.78 -0.84
C LYS A 359 42.08 -25.89 -0.74
N GLU A 360 42.45 -27.12 -1.05
CA GLU A 360 41.56 -28.29 -0.89
C GLU A 360 41.10 -28.42 0.53
N VAL A 361 42.01 -28.15 1.49
CA VAL A 361 41.73 -28.24 2.90
C VAL A 361 42.23 -26.97 3.54
N GLU A 362 41.37 -26.40 4.41
CA GLU A 362 41.65 -25.26 5.24
C GLU A 362 41.10 -25.53 6.64
N ARG A 363 41.91 -25.27 7.65
CA ARG A 363 41.60 -25.51 9.07
C ARG A 363 41.15 -26.94 9.30
N GLY A 364 41.84 -27.85 8.64
CA GLY A 364 41.50 -29.26 8.67
C GLY A 364 40.19 -29.69 8.07
N LYS A 365 39.48 -28.81 7.34
CA LYS A 365 38.20 -29.17 6.74
C LYS A 365 38.28 -29.11 5.21
N SER A 366 37.60 -30.02 4.54
CA SER A 366 37.63 -30.10 3.09
C SER A 366 36.80 -28.91 2.55
N LYS A 367 37.39 -28.08 1.73
CA LYS A 367 36.71 -26.98 1.06
C LYS A 367 36.39 -27.28 -0.39
N CYS A 368 37.14 -28.20 -1.01
CA CYS A 368 36.92 -28.63 -2.38
C CYS A 368 37.60 -29.94 -2.59
N VAL A 369 36.92 -30.96 -3.11
CA VAL A 369 37.62 -32.20 -3.40
C VAL A 369 38.57 -31.98 -4.59
N LYS A 370 39.64 -32.75 -4.67
CA LYS A 370 40.53 -32.76 -5.82
C LYS A 370 39.75 -33.32 -6.99
N TYR A 371 39.40 -32.48 -7.93
CA TYR A 371 38.66 -32.92 -9.11
C TYR A 371 39.55 -33.04 -10.37
N TRP A 372 40.88 -32.97 -10.22
CA TRP A 372 41.79 -32.99 -11.35
C TRP A 372 42.80 -34.08 -11.09
N PRO A 373 43.38 -34.66 -12.15
CA PRO A 373 44.42 -35.68 -11.94
C PRO A 373 45.72 -35.15 -11.44
N ASP A 374 46.52 -36.02 -10.81
CA ASP A 374 47.93 -35.73 -10.53
C ASP A 374 48.68 -35.38 -11.81
N GLU A 375 49.80 -34.62 -11.69
CA GLU A 375 50.56 -34.22 -12.85
C GLU A 375 50.96 -35.45 -13.70
N TYR A 376 50.78 -35.32 -15.01
CA TYR A 376 51.06 -36.34 -16.04
C TYR A 376 50.03 -37.51 -16.05
N ALA A 377 49.08 -37.54 -15.11
CA ALA A 377 48.10 -38.60 -15.02
C ALA A 377 46.79 -38.27 -15.83
N LEU A 378 46.05 -39.31 -16.16
CA LEU A 378 44.80 -39.26 -16.94
C LEU A 378 43.77 -39.93 -16.06
N LYS A 379 42.59 -39.34 -15.89
CA LYS A 379 41.51 -39.96 -15.15
C LYS A 379 40.18 -39.80 -15.94
N GLU A 380 39.27 -40.76 -15.79
CA GLU A 380 37.88 -40.58 -16.25
C GLU A 380 37.00 -40.16 -15.08
N TYR A 381 36.12 -39.20 -15.32
CA TYR A 381 35.14 -38.68 -14.40
C TYR A 381 33.81 -38.85 -15.13
N GLY A 382 33.17 -40.00 -14.91
CA GLY A 382 32.03 -40.40 -15.74
C GLY A 382 32.38 -40.44 -17.21
N VAL A 383 31.60 -39.76 -18.06
CA VAL A 383 31.81 -39.70 -19.51
C VAL A 383 32.96 -38.79 -19.92
N MET A 384 33.56 -38.03 -18.98
CA MET A 384 34.62 -37.07 -19.31
C MET A 384 35.99 -37.66 -18.93
N ARG A 385 36.99 -37.35 -19.71
CA ARG A 385 38.37 -37.77 -19.51
C ARG A 385 39.19 -36.51 -19.35
N VAL A 386 40.11 -36.51 -18.38
CA VAL A 386 40.98 -35.37 -18.12
C VAL A 386 42.39 -35.83 -17.99
N ARG A 387 43.29 -35.21 -18.71
CA ARG A 387 44.73 -35.38 -18.56
C ARG A 387 45.33 -34.16 -17.91
N ASN A 388 46.18 -34.34 -16.90
CA ASN A 388 46.93 -33.19 -16.36
C ASN A 388 48.26 -33.21 -17.13
N VAL A 389 48.41 -32.33 -18.11
CA VAL A 389 49.57 -32.27 -18.99
C VAL A 389 50.81 -31.77 -18.25
N LYS A 390 50.65 -30.79 -17.40
CA LYS A 390 51.77 -30.05 -16.79
C LYS A 390 51.27 -29.07 -15.75
N GLU A 391 51.96 -29.02 -14.61
CA GLU A 391 51.74 -28.01 -13.61
C GLU A 391 52.92 -27.04 -13.55
N SER A 392 52.62 -25.77 -13.29
CA SER A 392 53.61 -24.70 -13.21
C SER A 392 53.32 -23.99 -11.92
N ALA A 393 54.26 -23.95 -11.00
CA ALA A 393 54.07 -23.25 -9.73
C ALA A 393 54.58 -21.83 -9.81
N ALA A 394 53.76 -20.89 -9.39
CA ALA A 394 54.15 -19.51 -9.20
C ALA A 394 54.03 -19.25 -7.68
N HIS A 395 54.39 -18.01 -7.23
CA HIS A 395 54.43 -17.68 -5.83
C HIS A 395 53.01 -17.78 -5.20
N ASP A 396 51.97 -17.23 -5.82
CA ASP A 396 50.62 -17.24 -5.21
C ASP A 396 49.69 -18.33 -5.77
N TYR A 397 50.08 -18.99 -6.85
CA TYR A 397 49.20 -19.89 -7.54
C TYR A 397 49.94 -20.99 -8.25
N THR A 398 49.22 -22.10 -8.50
CA THR A 398 49.63 -23.14 -9.41
C THR A 398 48.76 -23.14 -10.62
N LEU A 399 49.38 -23.25 -11.78
CA LEU A 399 48.66 -23.42 -13.02
C LEU A 399 48.71 -24.90 -13.41
N ARG A 400 47.55 -25.50 -13.69
CA ARG A 400 47.48 -26.84 -14.26
C ARG A 400 46.91 -26.77 -15.66
N GLU A 401 47.68 -27.30 -16.62
CA GLU A 401 47.23 -27.37 -17.99
C GLU A 401 46.51 -28.70 -18.12
N LEU A 402 45.18 -28.66 -18.28
CA LEU A 402 44.38 -29.89 -18.27
C LEU A 402 43.88 -30.10 -19.71
N LYS A 403 43.68 -31.34 -20.12
CA LYS A 403 43.06 -31.63 -21.40
C LYS A 403 41.81 -32.41 -21.13
N LEU A 404 40.68 -31.90 -21.57
CA LEU A 404 39.37 -32.46 -21.29
C LEU A 404 38.71 -32.96 -22.60
N SER A 405 38.11 -34.13 -22.58
CA SER A 405 37.49 -34.73 -23.76
C SER A 405 36.38 -35.63 -23.30
N LYS A 406 35.43 -35.96 -24.20
CA LYS A 406 34.42 -36.95 -23.89
C LYS A 406 35.01 -38.31 -24.32
N VAL A 407 34.79 -39.28 -23.47
CA VAL A 407 35.21 -40.65 -23.72
C VAL A 407 34.54 -41.14 -25.05
N GLY A 408 35.29 -41.79 -25.89
CA GLY A 408 34.76 -42.30 -27.15
C GLY A 408 34.74 -41.28 -28.29
N GLN A 409 35.12 -40.03 -28.01
CA GLN A 409 35.04 -38.94 -28.99
C GLN A 409 36.30 -38.11 -28.88
N GLY A 410 37.37 -38.60 -29.49
CA GLY A 410 38.69 -38.00 -29.31
C GLY A 410 38.81 -36.57 -29.83
N ASN A 411 38.05 -36.25 -30.91
CA ASN A 411 38.11 -34.93 -31.49
C ASN A 411 37.38 -33.85 -30.65
N THR A 412 36.87 -34.19 -29.48
CA THR A 412 36.28 -33.23 -28.56
C THR A 412 37.29 -32.63 -27.58
N GLU A 413 38.59 -33.02 -27.66
CA GLU A 413 39.57 -32.55 -26.68
C GLU A 413 39.74 -31.06 -26.76
N ARG A 414 39.79 -30.42 -25.61
CA ARG A 414 40.14 -29.02 -25.49
C ARG A 414 40.99 -28.81 -24.25
N THR A 415 41.93 -27.82 -24.27
CA THR A 415 42.72 -27.50 -23.09
C THR A 415 41.87 -26.63 -22.15
N VAL A 416 41.89 -26.95 -20.85
CA VAL A 416 41.28 -26.19 -19.78
C VAL A 416 42.44 -25.83 -18.85
N TRP A 417 42.64 -24.53 -18.63
CA TRP A 417 43.73 -24.02 -17.81
C TRP A 417 43.16 -23.74 -16.44
N GLN A 418 43.63 -24.48 -15.45
CA GLN A 418 43.16 -24.30 -14.08
C GLN A 418 44.18 -23.47 -13.28
N TYR A 419 43.75 -22.29 -12.85
CA TYR A 419 44.51 -21.34 -12.07
C TYR A 419 44.10 -21.50 -10.63
N HIS A 420 44.98 -22.09 -9.83
CA HIS A 420 44.66 -22.42 -8.45
C HIS A 420 45.36 -21.46 -7.50
N PHE A 421 44.64 -20.46 -6.96
CA PHE A 421 45.21 -19.46 -6.09
C PHE A 421 45.37 -20.15 -4.69
N ARG A 422 46.56 -20.15 -4.12
CA ARG A 422 46.84 -21.01 -2.98
C ARG A 422 47.15 -20.24 -1.68
N THR A 423 47.32 -18.91 -1.74
CA THR A 423 47.82 -18.15 -0.60
C THR A 423 46.79 -17.22 0.02
N TRP A 424 45.49 -17.36 -0.35
CA TRP A 424 44.48 -16.55 0.28
C TRP A 424 44.41 -16.94 1.77
N PRO A 425 44.37 -15.97 2.70
CA PRO A 425 44.41 -16.35 4.14
C PRO A 425 43.18 -17.15 4.58
N ASP A 426 43.27 -17.94 5.65
CA ASP A 426 42.11 -18.81 6.05
C ASP A 426 40.91 -18.01 6.48
N HIS A 427 41.14 -16.85 7.06
CA HIS A 427 40.12 -15.86 7.38
C HIS A 427 40.54 -14.45 6.85
N GLY A 428 39.57 -13.61 6.59
CA GLY A 428 39.81 -12.27 6.11
C GLY A 428 40.35 -12.25 4.68
N VAL A 429 41.12 -11.24 4.34
CA VAL A 429 41.56 -11.01 2.98
C VAL A 429 43.06 -10.73 2.95
N PRO A 430 43.70 -10.83 1.77
CA PRO A 430 45.12 -10.48 1.71
C PRO A 430 45.37 -9.04 2.13
N SER A 431 46.55 -8.77 2.73
CA SER A 431 46.88 -7.36 3.10
C SER A 431 47.27 -6.52 1.86
N ASP A 432 47.77 -7.13 0.79
CA ASP A 432 48.11 -6.39 -0.43
C ASP A 432 47.42 -7.04 -1.66
N PRO A 433 46.78 -6.27 -2.57
CA PRO A 433 46.10 -6.89 -3.73
C PRO A 433 46.97 -7.29 -4.92
N GLY A 434 48.28 -7.07 -4.83
CA GLY A 434 49.22 -7.39 -5.88
C GLY A 434 49.19 -8.81 -6.45
N GLY A 435 49.20 -9.80 -5.56
CA GLY A 435 49.13 -11.20 -5.95
C GLY A 435 47.85 -11.52 -6.70
N VAL A 436 46.70 -11.07 -6.16
CA VAL A 436 45.40 -11.25 -6.80
C VAL A 436 45.37 -10.57 -8.18
N LEU A 437 45.84 -9.32 -8.29
CA LEU A 437 45.79 -8.60 -9.57
C LEU A 437 46.70 -9.25 -10.62
N ASP A 438 47.91 -9.68 -10.25
CA ASP A 438 48.79 -10.40 -11.19
C ASP A 438 48.15 -11.69 -11.68
N PHE A 439 47.51 -12.40 -10.75
CA PHE A 439 46.79 -13.65 -11.06
C PHE A 439 45.64 -13.37 -12.02
N LEU A 440 44.78 -12.44 -11.72
CA LEU A 440 43.67 -12.06 -12.60
C LEU A 440 44.14 -11.58 -13.96
N GLU A 441 45.27 -10.80 -14.05
CA GLU A 441 45.79 -10.38 -15.36
C GLU A 441 46.13 -11.58 -16.21
N GLU A 442 46.79 -12.54 -15.60
CA GLU A 442 47.21 -13.75 -16.27
C GLU A 442 46.01 -14.59 -16.74
N VAL A 443 45.02 -14.75 -15.86
CA VAL A 443 43.76 -15.40 -16.19
C VAL A 443 43.05 -14.70 -17.33
N HIS A 444 43.02 -13.37 -17.32
CA HIS A 444 42.37 -12.58 -18.37
C HIS A 444 43.05 -12.83 -19.70
N HIS A 445 44.39 -12.79 -19.71
CA HIS A 445 45.14 -12.95 -20.94
C HIS A 445 44.99 -14.33 -21.51
N LYS A 446 44.95 -15.36 -20.66
CA LYS A 446 44.77 -16.73 -21.11
C LYS A 446 43.42 -16.82 -21.80
N GLN A 447 42.36 -16.35 -21.12
CA GLN A 447 41.00 -16.36 -21.67
C GLN A 447 40.93 -15.62 -23.01
N GLU A 448 41.53 -14.43 -23.08
CA GLU A 448 41.49 -13.62 -24.28
C GLU A 448 42.19 -14.28 -25.47
N SER A 449 43.17 -15.14 -25.24
CA SER A 449 43.94 -15.83 -26.26
C SER A 449 43.22 -17.02 -26.86
N ILE A 450 42.08 -17.48 -26.32
CA ILE A 450 41.38 -18.64 -26.84
C ILE A 450 40.09 -18.26 -27.56
N MET A 451 40.03 -18.48 -28.87
CA MET A 451 38.92 -17.98 -29.68
C MET A 451 37.62 -18.79 -29.23
N ASP A 452 36.59 -18.07 -29.00
CA ASP A 452 35.26 -18.62 -28.67
C ASP A 452 35.21 -19.35 -27.32
N ALA A 453 36.18 -19.11 -26.42
CA ALA A 453 36.16 -19.73 -25.06
C ALA A 453 34.82 -19.36 -24.37
N GLY A 454 34.25 -20.29 -23.65
CA GLY A 454 33.07 -20.04 -22.82
C GLY A 454 33.40 -19.32 -21.53
N PRO A 455 32.40 -19.29 -20.62
CA PRO A 455 32.58 -18.53 -19.38
C PRO A 455 33.74 -19.06 -18.54
N VAL A 456 34.35 -18.18 -17.82
CA VAL A 456 35.43 -18.53 -16.90
C VAL A 456 34.77 -19.09 -15.65
N VAL A 457 35.14 -20.30 -15.28
CA VAL A 457 34.60 -20.91 -14.05
C VAL A 457 35.38 -20.43 -12.83
N VAL A 458 34.68 -19.94 -11.82
CA VAL A 458 35.29 -19.46 -10.60
C VAL A 458 34.64 -20.16 -9.40
N HIS A 459 35.47 -20.70 -8.50
CA HIS A 459 34.92 -21.41 -7.37
C HIS A 459 35.84 -21.27 -6.17
N CYS A 460 35.23 -21.30 -4.99
CA CYS A 460 35.95 -21.39 -3.75
C CYS A 460 35.36 -22.64 -3.00
N SER A 461 34.87 -22.48 -1.78
CA SER A 461 34.14 -23.44 -0.90
C SER A 461 32.60 -23.36 -1.24
N ALA A 462 31.89 -22.36 -0.73
CA ALA A 462 30.46 -22.19 -1.04
C ALA A 462 30.23 -21.48 -2.39
N GLY A 463 31.29 -20.85 -2.98
CA GLY A 463 31.21 -20.15 -4.25
C GLY A 463 30.50 -18.81 -4.22
N ILE A 464 30.54 -18.08 -3.09
CA ILE A 464 29.88 -16.74 -3.01
C ILE A 464 30.86 -15.66 -2.48
N GLY A 465 31.73 -15.98 -1.53
CA GLY A 465 32.53 -14.97 -0.87
C GLY A 465 33.78 -14.61 -1.65
N ARG A 466 34.80 -15.43 -1.55
CA ARG A 466 36.00 -15.30 -2.40
C ARG A 466 35.64 -15.27 -3.87
N THR A 467 34.75 -16.17 -4.29
CA THR A 467 34.34 -16.24 -5.70
C THR A 467 33.75 -14.91 -6.18
N GLY A 468 32.85 -14.34 -5.36
CA GLY A 468 32.25 -13.07 -5.71
C GLY A 468 33.26 -11.94 -5.74
N THR A 469 34.20 -11.96 -4.80
CA THR A 469 35.27 -10.95 -4.72
C THR A 469 36.15 -10.98 -5.98
N PHE A 470 36.65 -12.13 -6.36
CA PHE A 470 37.48 -12.29 -7.56
C PHE A 470 36.70 -11.85 -8.82
N ILE A 471 35.44 -12.29 -8.97
CA ILE A 471 34.63 -11.90 -10.12
C ILE A 471 34.40 -10.37 -10.19
N VAL A 472 34.05 -9.73 -9.07
CA VAL A 472 33.76 -8.30 -9.09
C VAL A 472 35.05 -7.51 -9.41
N ILE A 473 36.21 -7.90 -8.81
CA ILE A 473 37.48 -7.27 -9.19
C ILE A 473 37.74 -7.41 -10.67
N ASP A 474 37.55 -8.63 -11.20
CA ASP A 474 37.75 -8.86 -12.62
C ASP A 474 36.85 -8.00 -13.51
N ILE A 475 35.58 -7.86 -13.16
CA ILE A 475 34.63 -7.02 -13.92
C ILE A 475 35.09 -5.56 -13.92
N LEU A 476 35.45 -5.03 -12.75
CA LEU A 476 35.84 -3.63 -12.59
C LEU A 476 37.13 -3.38 -13.38
N ILE A 477 38.13 -4.21 -13.21
CA ILE A 477 39.43 -4.03 -13.92
C ILE A 477 39.27 -4.15 -15.42
N ASP A 478 38.38 -5.02 -15.87
CA ASP A 478 38.01 -5.14 -17.27
C ASP A 478 37.51 -3.82 -17.88
N ILE A 479 36.68 -3.05 -17.17
CA ILE A 479 36.24 -1.71 -17.64
C ILE A 479 37.43 -0.79 -17.80
N ILE A 480 38.27 -0.75 -16.79
CA ILE A 480 39.45 0.08 -16.78
C ILE A 480 40.42 -0.32 -17.88
N ARG A 481 40.60 -1.62 -18.09
CA ARG A 481 41.50 -2.26 -19.08
C ARG A 481 41.11 -1.80 -20.49
N GLU A 482 39.82 -1.76 -20.77
CA GLU A 482 39.32 -1.36 -22.08
C GLU A 482 39.26 0.21 -22.24
N LYS A 483 38.70 0.92 -21.24
CA LYS A 483 38.42 2.36 -21.31
C LYS A 483 39.51 3.27 -20.73
N GLY A 484 40.55 2.69 -20.18
CA GLY A 484 41.61 3.45 -19.52
C GLY A 484 41.19 4.04 -18.20
N VAL A 485 42.10 4.82 -17.63
CA VAL A 485 41.93 5.35 -16.30
C VAL A 485 40.77 6.35 -16.20
N ASP A 486 40.27 6.92 -17.31
CA ASP A 486 39.19 7.90 -17.29
C ASP A 486 37.87 7.31 -17.76
N CYS A 487 37.22 6.52 -16.87
CA CYS A 487 35.91 5.87 -17.06
C CYS A 487 35.14 5.90 -15.72
N ASP A 488 33.83 5.70 -15.76
CA ASP A 488 33.04 5.61 -14.54
C ASP A 488 33.07 4.18 -14.01
N ILE A 489 33.24 4.03 -12.69
CA ILE A 489 32.99 2.78 -12.01
C ILE A 489 32.09 3.01 -10.80
N ASP A 490 31.39 1.95 -10.39
CA ASP A 490 30.48 2.01 -9.28
C ASP A 490 30.52 0.65 -8.59
N VAL A 491 31.34 0.54 -7.56
CA VAL A 491 31.61 -0.72 -6.88
C VAL A 491 30.32 -1.34 -6.34
N PRO A 492 29.51 -0.63 -5.49
CA PRO A 492 28.30 -1.27 -4.95
C PRO A 492 27.26 -1.60 -6.00
N LYS A 493 27.13 -0.79 -7.07
CA LYS A 493 26.16 -1.09 -8.11
C LYS A 493 26.59 -2.41 -8.86
N THR A 494 27.87 -2.57 -9.08
CA THR A 494 28.40 -3.80 -9.75
C THR A 494 28.17 -5.01 -8.85
N ILE A 495 28.42 -4.86 -7.53
CA ILE A 495 28.19 -5.96 -6.59
C ILE A 495 26.72 -6.33 -6.57
N GLN A 496 25.82 -5.33 -6.50
CA GLN A 496 24.38 -5.61 -6.50
C GLN A 496 23.96 -6.40 -7.76
N MET A 497 24.51 -6.02 -8.90
CA MET A 497 24.21 -6.65 -10.17
C MET A 497 24.66 -8.17 -10.17
N VAL A 498 25.83 -8.44 -9.60
CA VAL A 498 26.30 -9.82 -9.48
C VAL A 498 25.45 -10.60 -8.46
N ARG A 499 25.09 -9.97 -7.32
CA ARG A 499 24.23 -10.56 -6.28
C ARG A 499 22.83 -10.91 -6.77
N SER A 500 22.33 -10.21 -7.83
CA SER A 500 21.08 -10.61 -8.48
C SER A 500 21.18 -11.89 -9.30
N GLN A 501 22.43 -12.41 -9.52
CA GLN A 501 22.62 -13.59 -10.30
C GLN A 501 23.14 -14.80 -9.49
N ARG A 502 23.72 -14.55 -8.31
CA ARG A 502 23.98 -15.62 -7.35
C ARG A 502 23.97 -15.02 -5.96
N SER A 503 23.32 -15.74 -5.03
CA SER A 503 23.05 -15.27 -3.68
C SER A 503 24.37 -14.88 -2.93
N GLY A 504 24.45 -13.71 -2.35
CA GLY A 504 25.51 -13.38 -1.43
C GLY A 504 26.88 -13.17 -2.03
N MET A 505 26.97 -12.88 -3.35
CA MET A 505 28.28 -12.64 -3.98
C MET A 505 28.94 -11.44 -3.31
N VAL A 506 30.12 -11.66 -2.71
CA VAL A 506 30.84 -10.75 -1.84
C VAL A 506 30.20 -10.78 -0.48
N GLN A 507 30.88 -11.37 0.49
CA GLN A 507 30.31 -11.67 1.79
C GLN A 507 30.56 -10.60 2.87
N THR A 508 31.77 -10.02 2.91
CA THR A 508 32.18 -9.20 4.05
C THR A 508 32.64 -7.79 3.69
N GLU A 509 32.60 -6.93 4.69
CA GLU A 509 33.12 -5.58 4.56
C GLU A 509 34.63 -5.63 4.26
N ALA A 510 35.37 -6.60 4.80
CA ALA A 510 36.81 -6.73 4.47
C ALA A 510 36.99 -7.02 2.96
N GLN A 511 36.14 -7.88 2.38
CA GLN A 511 36.20 -8.16 0.92
C GLN A 511 35.79 -6.90 0.13
N TYR A 512 34.79 -6.18 0.59
CA TYR A 512 34.37 -4.93 -0.02
C TYR A 512 35.54 -3.92 -0.07
N ARG A 513 36.24 -3.72 1.05
CA ARG A 513 37.42 -2.83 1.07
C ARG A 513 38.53 -3.34 0.17
N PHE A 514 38.73 -4.66 0.15
CA PHE A 514 39.72 -5.27 -0.70
C PHE A 514 39.51 -5.01 -2.20
N ILE A 515 38.24 -5.01 -2.65
CA ILE A 515 37.84 -4.71 -4.02
C ILE A 515 38.28 -3.27 -4.33
N TYR A 516 37.92 -2.31 -3.47
CA TYR A 516 38.41 -0.92 -3.64
C TYR A 516 39.92 -0.83 -3.70
N MET A 517 40.63 -1.52 -2.79
CA MET A 517 42.08 -1.54 -2.76
C MET A 517 42.65 -2.11 -4.04
N ALA A 518 42.07 -3.20 -4.53
CA ALA A 518 42.59 -3.83 -5.74
C ALA A 518 42.40 -2.90 -6.95
N VAL A 519 41.24 -2.27 -7.08
CA VAL A 519 40.99 -1.38 -8.17
C VAL A 519 41.94 -0.15 -8.08
N GLN A 520 42.11 0.42 -6.88
CA GLN A 520 43.10 1.48 -6.64
C GLN A 520 44.50 1.09 -7.11
N HIS A 521 44.99 -0.08 -6.68
CA HIS A 521 46.32 -0.58 -7.05
C HIS A 521 46.43 -0.80 -8.57
N TYR A 522 45.38 -1.30 -9.21
CA TYR A 522 45.39 -1.48 -10.65
C TYR A 522 45.55 -0.14 -11.44
N ILE A 523 44.76 0.86 -11.07
CA ILE A 523 44.73 2.21 -11.64
C ILE A 523 46.15 2.79 -11.55
N GLU A 524 46.74 2.77 -10.34
CA GLU A 524 48.05 3.35 -10.04
C GLU A 524 49.15 2.70 -10.87
N THR A 525 49.13 1.36 -11.02
CA THR A 525 50.10 0.66 -11.87
C THR A 525 49.97 1.03 -13.36
N LEU A 526 48.78 1.39 -13.86
CA LEU A 526 48.67 1.94 -15.23
C LEU A 526 49.30 3.35 -15.32
N GLN A 527 48.97 4.23 -14.36
CA GLN A 527 49.54 5.57 -14.29
C GLN A 527 51.08 5.57 -14.22
N ARG A 528 51.69 4.61 -13.48
CA ARG A 528 53.14 4.54 -13.35
C ARG A 528 53.83 4.03 -14.60
N ARG A 529 53.16 3.17 -15.39
CA ARG A 529 53.64 2.78 -16.73
C ARG A 529 53.80 3.99 -17.66
N LEU A 530 52.89 4.96 -17.57
CA LEU A 530 52.96 6.19 -18.37
C LEU A 530 54.10 7.13 -17.90
N GLU A 531 54.57 7.01 -16.64
CA GLU A 531 55.73 7.76 -16.15
C GLU A 531 57.05 7.14 -16.64
N THR B 3 -4.97 9.04 2.22
CA THR B 3 -5.81 9.90 3.06
C THR B 3 -6.43 9.09 4.21
N SER B 4 -6.85 9.78 5.28
CA SER B 4 -7.47 9.11 6.41
C SER B 4 -8.98 8.95 6.19
N ARG B 5 -9.48 7.81 6.59
CA ARG B 5 -10.91 7.54 6.65
C ARG B 5 -11.31 7.12 8.06
N ARG B 6 -10.44 7.27 9.14
CA ARG B 6 -10.84 6.88 10.48
C ARG B 6 -10.69 8.03 11.52
N TRP B 7 -10.86 9.26 11.06
CA TRP B 7 -10.84 10.44 11.92
C TRP B 7 -12.09 10.59 12.79
N PHE B 8 -13.13 9.76 12.56
CA PHE B 8 -14.36 9.80 13.34
C PHE B 8 -14.28 8.69 14.37
N HIS B 9 -14.43 9.07 15.63
CA HIS B 9 -14.34 8.16 16.77
C HIS B 9 -15.74 8.01 17.35
N PRO B 10 -16.48 6.93 17.03
CA PRO B 10 -17.89 6.85 17.48
C PRO B 10 -18.16 6.75 18.97
N ASN B 11 -17.24 6.15 19.75
CA ASN B 11 -17.54 5.77 21.13
C ASN B 11 -16.62 6.46 22.15
N ILE B 12 -16.02 7.59 21.79
CA ILE B 12 -15.09 8.32 22.66
C ILE B 12 -15.85 9.43 23.40
N THR B 13 -15.52 9.67 24.67
CA THR B 13 -16.04 10.86 25.38
C THR B 13 -15.14 12.09 25.08
N GLY B 14 -15.58 13.28 25.48
CA GLY B 14 -14.78 14.49 25.36
C GLY B 14 -13.43 14.41 26.04
N VAL B 15 -13.40 13.80 27.26
CA VAL B 15 -12.17 13.64 28.07
C VAL B 15 -11.22 12.71 27.35
N GLU B 16 -11.74 11.57 26.87
CA GLU B 16 -10.92 10.63 26.10
C GLU B 16 -10.36 11.29 24.83
N ALA B 17 -11.17 12.09 24.13
CA ALA B 17 -10.71 12.86 22.97
C ALA B 17 -9.58 13.85 23.30
N GLU B 18 -9.72 14.61 24.39
CA GLU B 18 -8.64 15.49 24.85
C GLU B 18 -7.36 14.75 25.13
N ASN B 19 -7.46 13.66 25.88
CA ASN B 19 -6.28 12.90 26.27
C ASN B 19 -5.63 12.26 25.06
N LEU B 20 -6.43 11.81 24.08
CA LEU B 20 -5.88 11.27 22.84
C LEU B 20 -5.08 12.30 22.10
N LEU B 21 -5.65 13.51 21.94
CA LEU B 21 -4.98 14.58 21.19
C LEU B 21 -3.73 15.07 21.93
N LEU B 22 -3.76 15.06 23.25
CA LEU B 22 -2.64 15.53 24.05
C LEU B 22 -1.51 14.50 24.10
N THR B 23 -1.83 13.18 24.13
CA THR B 23 -0.80 12.13 24.24
C THR B 23 -0.35 11.56 22.89
N ARG B 24 -1.27 11.47 21.90
CA ARG B 24 -0.94 10.88 20.60
C ARG B 24 -0.96 11.86 19.42
N GLY B 25 -1.46 13.08 19.62
CA GLY B 25 -1.43 14.08 18.56
C GLY B 25 -0.41 15.17 18.76
N VAL B 26 -0.33 16.06 17.79
CA VAL B 26 0.47 17.29 17.84
C VAL B 26 -0.44 18.47 17.45
N ASP B 27 0.09 19.71 17.45
CA ASP B 27 -0.70 20.85 17.01
C ASP B 27 -1.12 20.64 15.52
N GLY B 28 -2.40 20.83 15.24
CA GLY B 28 -2.95 20.53 13.94
C GLY B 28 -3.69 19.19 13.91
N SER B 29 -3.51 18.34 14.95
CA SER B 29 -4.20 17.07 15.04
C SER B 29 -5.68 17.29 15.35
N PHE B 30 -6.51 16.39 14.81
CA PHE B 30 -7.98 16.55 15.02
C PHE B 30 -8.71 15.24 14.88
N LEU B 31 -9.89 15.21 15.48
CA LEU B 31 -10.81 14.13 15.32
C LEU B 31 -12.24 14.68 15.40
N ALA B 32 -13.20 13.91 14.91
CA ALA B 32 -14.62 14.25 15.09
C ALA B 32 -15.28 13.14 15.88
N ARG B 33 -16.37 13.45 16.59
CA ARG B 33 -17.05 12.49 17.44
C ARG B 33 -18.50 12.88 17.63
N PRO B 34 -19.40 11.93 17.94
CA PRO B 34 -20.79 12.32 18.22
C PRO B 34 -20.92 12.90 19.63
N SER B 35 -21.85 13.83 19.80
CA SER B 35 -21.84 14.67 21.01
C SER B 35 -22.58 13.90 22.03
N LYS B 36 -21.88 13.56 23.13
CA LYS B 36 -22.48 12.88 24.27
C LYS B 36 -23.44 13.83 25.02
N SER B 37 -23.23 15.17 24.93
CA SER B 37 -24.01 16.18 25.64
C SER B 37 -25.38 16.38 25.01
N ASN B 38 -25.42 16.62 23.67
CA ASN B 38 -26.70 16.71 22.97
C ASN B 38 -26.63 15.79 21.78
N PRO B 39 -27.11 14.54 21.95
CA PRO B 39 -27.15 13.62 20.82
C PRO B 39 -27.95 14.18 19.64
N GLY B 40 -27.44 13.94 18.45
CA GLY B 40 -27.79 14.72 17.26
C GLY B 40 -26.72 15.74 16.89
N ASP B 41 -25.90 16.16 17.87
CA ASP B 41 -24.83 17.10 17.67
C ASP B 41 -23.50 16.31 17.49
N PHE B 42 -22.49 17.00 17.10
CA PHE B 42 -21.16 16.45 16.85
C PHE B 42 -20.12 17.47 17.32
N THR B 43 -18.88 17.00 17.52
CA THR B 43 -17.78 17.85 17.93
C THR B 43 -16.59 17.56 17.07
N LEU B 44 -15.95 18.62 16.61
CA LEU B 44 -14.64 18.57 16.00
C LEU B 44 -13.64 18.99 17.10
N SER B 45 -12.83 18.05 17.58
CA SER B 45 -11.83 18.30 18.62
C SER B 45 -10.47 18.48 17.96
N VAL B 46 -9.81 19.63 18.22
CA VAL B 46 -8.61 20.05 17.50
C VAL B 46 -7.54 20.46 18.52
N ARG B 47 -6.35 19.94 18.37
CA ARG B 47 -5.19 20.39 19.15
C ARG B 47 -4.57 21.67 18.54
N ARG B 48 -4.37 22.69 19.37
CA ARG B 48 -3.83 24.00 18.98
C ARG B 48 -2.92 24.47 20.15
N ASN B 49 -1.68 24.90 19.88
CA ASN B 49 -0.78 25.41 20.96
C ASN B 49 -0.80 24.55 22.27
N GLY B 50 -0.57 23.25 22.14
CA GLY B 50 -0.56 22.31 23.26
C GLY B 50 -1.85 22.19 24.07
N ALA B 51 -2.98 22.72 23.56
CA ALA B 51 -4.28 22.59 24.23
C ALA B 51 -5.35 22.15 23.21
N VAL B 52 -6.50 21.63 23.68
CA VAL B 52 -7.55 21.12 22.82
C VAL B 52 -8.74 22.03 22.81
N THR B 53 -9.24 22.35 21.62
CA THR B 53 -10.49 23.07 21.45
C THR B 53 -11.57 22.14 20.84
N HIS B 54 -12.81 22.31 21.29
CA HIS B 54 -13.94 21.52 20.87
C HIS B 54 -14.92 22.42 20.12
N ILE B 55 -15.12 22.16 18.85
CA ILE B 55 -15.99 22.96 18.00
C ILE B 55 -17.27 22.20 17.70
N LYS B 56 -18.39 22.85 17.94
CA LYS B 56 -19.68 22.24 17.80
C LYS B 56 -20.13 22.25 16.34
N ILE B 57 -20.75 21.16 15.95
CA ILE B 57 -21.38 20.98 14.66
C ILE B 57 -22.78 20.46 14.96
N GLN B 58 -23.77 21.16 14.47
CA GLN B 58 -25.15 20.77 14.69
C GLN B 58 -25.73 20.27 13.41
N ASN B 59 -26.56 19.23 13.50
CA ASN B 59 -27.37 18.82 12.39
C ASN B 59 -28.78 18.68 12.84
N THR B 60 -29.65 19.60 12.48
CA THR B 60 -31.07 19.48 12.77
C THR B 60 -31.87 18.83 11.67
N GLY B 61 -31.24 18.28 10.63
CA GLY B 61 -31.95 17.55 9.60
C GLY B 61 -31.65 17.97 8.17
N ASP B 62 -31.07 19.15 7.98
CA ASP B 62 -30.91 19.75 6.68
C ASP B 62 -29.46 19.77 6.18
N TYR B 63 -28.50 19.83 7.10
CA TYR B 63 -27.08 20.00 6.83
C TYR B 63 -26.31 20.02 8.16
N TYR B 64 -25.03 19.79 8.07
CA TYR B 64 -24.09 19.99 9.18
C TYR B 64 -23.70 21.45 9.26
N ASP B 65 -23.88 22.08 10.41
CA ASP B 65 -23.62 23.49 10.63
C ASP B 65 -22.48 23.64 11.64
N LEU B 66 -21.31 23.96 11.14
CA LEU B 66 -20.12 24.09 11.99
C LEU B 66 -20.18 25.50 12.64
N TYR B 67 -20.07 25.55 13.97
CA TYR B 67 -20.01 26.84 14.67
C TYR B 67 -18.79 27.69 14.16
N GLY B 68 -19.06 28.93 13.74
CA GLY B 68 -18.00 29.79 13.21
C GLY B 68 -17.36 29.29 11.94
N GLY B 69 -18.12 28.50 11.19
CA GLY B 69 -17.70 28.06 9.87
C GLY B 69 -18.93 27.90 9.02
N GLU B 70 -18.86 26.96 8.14
CA GLU B 70 -19.82 26.86 7.07
C GLU B 70 -20.73 25.66 7.24
N LYS B 71 -21.69 25.52 6.33
CA LYS B 71 -22.63 24.40 6.30
C LYS B 71 -22.15 23.35 5.31
N PHE B 72 -22.30 22.07 5.65
CA PHE B 72 -21.76 20.96 4.86
C PHE B 72 -22.76 19.84 4.69
N ALA B 73 -22.60 19.06 3.62
CA ALA B 73 -23.44 17.87 3.35
C ALA B 73 -23.04 16.65 4.14
N THR B 74 -21.73 16.50 4.40
CA THR B 74 -21.21 15.37 5.20
C THR B 74 -20.01 15.85 6.01
N LEU B 75 -19.71 15.13 7.08
CA LEU B 75 -18.49 15.40 7.83
C LEU B 75 -17.26 15.13 7.01
N ALA B 76 -17.28 14.10 6.16
CA ALA B 76 -16.13 13.88 5.26
C ALA B 76 -15.89 15.06 4.29
N GLU B 77 -16.96 15.66 3.72
CA GLU B 77 -16.82 16.87 2.93
C GLU B 77 -16.34 18.09 3.74
N LEU B 78 -16.80 18.20 4.99
CA LEU B 78 -16.35 19.24 5.89
C LEU B 78 -14.81 19.13 6.11
N VAL B 79 -14.34 17.94 6.41
CA VAL B 79 -12.94 17.69 6.73
C VAL B 79 -12.10 17.94 5.48
N GLN B 80 -12.53 17.45 4.30
CA GLN B 80 -11.84 17.72 3.06
C GLN B 80 -11.73 19.22 2.77
N TYR B 81 -12.81 19.99 2.97
CA TYR B 81 -12.79 21.43 2.73
C TYR B 81 -11.74 22.17 3.58
N TYR B 82 -11.72 21.92 4.88
CA TYR B 82 -10.86 22.66 5.79
C TYR B 82 -9.40 22.17 5.74
N MET B 83 -9.19 20.90 5.41
CA MET B 83 -7.84 20.41 5.16
C MET B 83 -7.18 21.00 3.91
N GLU B 84 -7.97 21.57 2.97
CA GLU B 84 -7.46 22.30 1.81
C GLU B 84 -7.52 23.82 2.01
N HIS B 85 -8.43 24.35 2.87
CA HIS B 85 -8.63 25.80 3.07
C HIS B 85 -8.18 26.28 4.47
N HIS B 86 -6.86 26.33 4.73
CA HIS B 86 -6.35 26.91 5.98
C HIS B 86 -6.68 28.40 6.06
N GLY B 87 -6.85 28.89 7.28
CA GLY B 87 -7.30 30.25 7.52
C GLY B 87 -8.80 30.41 7.59
N GLN B 88 -9.57 29.41 7.07
CA GLN B 88 -11.02 29.49 6.99
C GLN B 88 -11.74 29.02 8.25
N LEU B 89 -11.20 28.05 9.00
CA LEU B 89 -11.82 27.65 10.26
C LEU B 89 -11.33 28.50 11.45
N LYS B 90 -12.29 29.05 12.27
CA LYS B 90 -11.98 29.76 13.53
C LYS B 90 -12.62 29.13 14.80
N GLU B 91 -11.83 29.13 15.90
CA GLU B 91 -12.16 28.75 17.29
C GLU B 91 -13.34 29.58 17.88
N LYS B 92 -13.93 29.17 19.05
CA LYS B 92 -14.91 29.97 19.83
C LYS B 92 -14.56 31.49 19.82
N ASN B 93 -13.43 31.83 20.42
CA ASN B 93 -12.94 33.20 20.59
C ASN B 93 -12.47 33.92 19.27
N GLY B 94 -12.71 33.31 18.10
CA GLY B 94 -12.30 33.87 16.81
C GLY B 94 -10.92 33.48 16.31
N ASP B 95 -10.09 32.82 17.15
CA ASP B 95 -8.72 32.45 16.73
C ASP B 95 -8.71 31.48 15.54
N VAL B 96 -7.80 31.72 14.59
CA VAL B 96 -7.69 30.86 13.43
C VAL B 96 -7.11 29.49 13.86
N ILE B 97 -7.62 28.40 13.25
CA ILE B 97 -7.35 27.04 13.74
C ILE B 97 -7.18 26.08 12.54
N GLU B 98 -6.05 25.37 12.49
CA GLU B 98 -5.67 24.54 11.34
C GLU B 98 -5.97 23.04 11.58
N LEU B 99 -6.65 22.40 10.62
CA LEU B 99 -6.85 20.95 10.56
C LEU B 99 -5.78 20.39 9.67
N LYS B 100 -4.77 19.78 10.27
CA LYS B 100 -3.63 19.20 9.55
C LYS B 100 -3.54 17.68 9.59
N TYR B 101 -3.75 17.03 10.78
CA TYR B 101 -3.39 15.65 11.04
C TYR B 101 -4.54 14.88 11.61
N PRO B 102 -5.30 14.14 10.76
CA PRO B 102 -6.39 13.33 11.30
C PRO B 102 -5.84 12.34 12.30
N LEU B 103 -6.48 12.21 13.43
CA LEU B 103 -6.07 11.28 14.46
C LEU B 103 -6.97 10.07 14.30
N ASN B 104 -6.40 8.95 13.87
CA ASN B 104 -7.19 7.80 13.51
C ASN B 104 -7.65 7.00 14.68
N CYS B 105 -8.85 6.43 14.54
CA CYS B 105 -9.56 5.63 15.47
C CYS B 105 -9.33 4.12 15.18
N ALA B 106 -9.04 3.33 16.21
CA ALA B 106 -8.80 1.90 16.10
C ALA B 106 -10.13 1.08 16.25
N ASP B 107 -11.19 1.70 16.80
CA ASP B 107 -12.49 1.05 17.06
C ASP B 107 -13.06 0.42 15.79
N PRO B 108 -13.19 -0.91 15.75
CA PRO B 108 -13.64 -1.57 14.54
C PRO B 108 -15.15 -1.54 14.30
N THR B 109 -15.93 -1.00 15.22
CA THR B 109 -17.38 -1.09 15.15
C THR B 109 -17.96 -0.26 14.01
N SER B 110 -17.23 0.72 13.45
CA SER B 110 -17.69 1.48 12.26
C SER B 110 -17.50 0.71 10.94
N GLU B 111 -16.84 -0.49 10.97
CA GLU B 111 -16.48 -1.23 9.78
C GLU B 111 -17.55 -2.26 9.48
N ARG B 112 -17.90 -2.44 8.21
CA ARG B 112 -18.99 -3.35 7.81
C ARG B 112 -18.69 -4.84 8.07
N TRP B 113 -17.40 -5.16 8.04
CA TRP B 113 -16.94 -6.54 8.21
C TRP B 113 -16.88 -6.94 9.68
N PHE B 114 -17.04 -6.02 10.65
CA PHE B 114 -16.94 -6.34 12.05
C PHE B 114 -18.22 -6.80 12.68
N HIS B 115 -18.21 -8.07 13.17
CA HIS B 115 -19.34 -8.65 13.88
C HIS B 115 -19.20 -8.74 15.42
N GLY B 116 -18.00 -8.72 15.98
CA GLY B 116 -17.84 -8.80 17.44
C GLY B 116 -18.28 -10.15 17.96
N HIS B 117 -19.29 -10.19 18.84
CA HIS B 117 -19.65 -11.45 19.48
C HIS B 117 -20.37 -12.36 18.50
N LEU B 118 -19.76 -13.47 18.11
CA LEU B 118 -20.30 -14.33 17.06
C LEU B 118 -19.46 -15.60 16.99
N SER B 119 -20.10 -16.76 17.11
CA SER B 119 -19.37 -18.03 17.12
C SER B 119 -18.89 -18.39 15.72
N GLY B 120 -18.00 -19.37 15.66
CA GLY B 120 -17.54 -19.91 14.39
C GLY B 120 -18.63 -20.63 13.64
N LYS B 121 -19.57 -21.25 14.38
CA LYS B 121 -20.67 -21.99 13.79
C LYS B 121 -21.67 -20.98 13.19
N GLU B 122 -22.02 -19.91 13.95
CA GLU B 122 -22.82 -18.79 13.46
C GLU B 122 -22.18 -18.08 12.25
N ALA B 123 -20.84 -17.84 12.27
CA ALA B 123 -20.17 -17.21 11.14
C ALA B 123 -20.22 -18.12 9.94
N GLU B 124 -20.04 -19.45 10.14
CA GLU B 124 -20.12 -20.38 9.02
C GLU B 124 -21.51 -20.41 8.41
N LYS B 125 -22.55 -20.38 9.24
CA LYS B 125 -23.92 -20.45 8.74
C LYS B 125 -24.28 -19.17 7.99
N LEU B 126 -23.91 -18.00 8.52
CA LEU B 126 -24.10 -16.74 7.80
C LEU B 126 -23.34 -16.69 6.49
N LEU B 127 -22.03 -17.05 6.49
CA LEU B 127 -21.28 -17.09 5.22
C LEU B 127 -21.80 -18.11 4.25
N THR B 128 -22.33 -19.24 4.72
CA THR B 128 -22.92 -20.26 3.85
C THR B 128 -24.19 -19.71 3.23
N GLU B 129 -25.07 -19.12 4.03
CA GLU B 129 -26.38 -18.71 3.56
C GLU B 129 -26.37 -17.44 2.72
N LYS B 130 -25.59 -16.43 3.11
CA LYS B 130 -25.58 -15.11 2.45
C LYS B 130 -24.30 -14.82 1.68
N GLY B 131 -23.21 -15.50 2.02
CA GLY B 131 -21.90 -15.18 1.46
C GLY B 131 -21.66 -15.75 0.08
N LYS B 132 -20.63 -15.23 -0.59
CA LYS B 132 -20.13 -15.68 -1.89
C LYS B 132 -18.58 -15.82 -1.76
N HIS B 133 -17.87 -16.09 -2.87
CA HIS B 133 -16.41 -16.16 -2.87
C HIS B 133 -15.85 -14.79 -2.47
N GLY B 134 -14.99 -14.80 -1.45
CA GLY B 134 -14.36 -13.60 -0.94
C GLY B 134 -15.17 -12.85 0.10
N SER B 135 -16.36 -13.32 0.50
CA SER B 135 -17.06 -12.73 1.65
C SER B 135 -16.34 -13.00 2.95
N PHE B 136 -16.14 -11.96 3.75
CA PHE B 136 -15.43 -12.10 5.01
C PHE B 136 -16.05 -11.31 6.13
N LEU B 137 -15.65 -11.67 7.33
CA LEU B 137 -15.96 -10.96 8.55
C LEU B 137 -14.85 -11.11 9.57
N VAL B 138 -14.81 -10.23 10.55
CA VAL B 138 -13.98 -10.40 11.72
C VAL B 138 -14.95 -10.48 12.88
N ARG B 139 -14.65 -11.38 13.81
CA ARG B 139 -15.41 -11.63 15.02
C ARG B 139 -14.47 -11.79 16.20
N GLU B 140 -14.96 -11.56 17.41
CA GLU B 140 -14.26 -11.91 18.63
C GLU B 140 -14.08 -13.43 18.74
N SER B 141 -12.90 -13.82 19.23
CA SER B 141 -12.66 -15.20 19.62
C SER B 141 -13.45 -15.52 20.90
N GLN B 142 -14.01 -16.73 20.97
CA GLN B 142 -14.71 -17.23 22.15
C GLN B 142 -13.76 -18.13 22.97
N SER B 143 -12.94 -18.95 22.27
CA SER B 143 -11.85 -19.72 22.88
C SER B 143 -10.80 -18.84 23.61
N HIS B 144 -10.28 -17.81 22.93
CA HIS B 144 -9.15 -17.00 23.40
C HIS B 144 -9.66 -15.58 23.68
N PRO B 145 -10.18 -15.29 24.89
CA PRO B 145 -10.67 -13.92 25.16
C PRO B 145 -9.70 -12.81 24.75
N GLY B 146 -10.20 -11.79 24.09
CA GLY B 146 -9.41 -10.64 23.64
C GLY B 146 -8.79 -10.76 22.26
N ASP B 147 -8.75 -11.96 21.70
CA ASP B 147 -8.30 -12.21 20.34
C ASP B 147 -9.49 -12.09 19.39
N PHE B 148 -9.23 -12.18 18.08
CA PHE B 148 -10.27 -12.05 17.06
C PHE B 148 -10.11 -13.19 16.08
N VAL B 149 -11.10 -13.39 15.22
CA VAL B 149 -11.01 -14.35 14.15
C VAL B 149 -11.42 -13.69 12.88
N LEU B 150 -10.66 -13.89 11.81
CA LEU B 150 -11.10 -13.55 10.46
C LEU B 150 -11.70 -14.82 9.79
N SER B 151 -12.98 -14.78 9.42
CA SER B 151 -13.65 -15.87 8.71
C SER B 151 -13.97 -15.48 7.28
N VAL B 152 -13.57 -16.30 6.27
CA VAL B 152 -13.54 -15.97 4.85
C VAL B 152 -14.11 -17.14 4.11
N ARG B 153 -15.10 -16.90 3.27
CA ARG B 153 -15.59 -17.88 2.33
C ARG B 153 -14.82 -17.77 1.03
N THR B 154 -14.38 -18.89 0.47
CA THR B 154 -13.83 -18.94 -0.89
C THR B 154 -14.46 -20.14 -1.63
N GLY B 155 -14.44 -20.10 -2.95
CA GLY B 155 -15.04 -21.15 -3.75
C GLY B 155 -15.53 -20.77 -5.13
N ASP B 156 -16.46 -21.61 -5.64
CA ASP B 156 -17.07 -21.56 -6.98
C ASP B 156 -16.06 -21.75 -8.11
N SER B 161 -26.13 -25.07 -3.32
CA SER B 161 -25.52 -26.20 -4.01
C SER B 161 -24.25 -26.62 -3.26
N ASN B 162 -24.43 -27.00 -1.98
CA ASN B 162 -23.34 -27.34 -1.06
C ASN B 162 -22.67 -28.67 -1.44
N ASP B 163 -21.73 -28.64 -2.41
CA ASP B 163 -21.00 -29.82 -2.88
C ASP B 163 -19.45 -29.74 -2.67
N GLY B 164 -19.01 -29.01 -1.65
CA GLY B 164 -17.60 -28.93 -1.33
C GLY B 164 -16.77 -28.06 -2.25
N LYS B 165 -17.37 -27.50 -3.30
CA LYS B 165 -16.71 -26.53 -4.19
C LYS B 165 -16.40 -25.19 -3.49
N SER B 166 -17.08 -24.86 -2.36
CA SER B 166 -16.75 -23.71 -1.53
C SER B 166 -16.55 -24.13 -0.07
N LYS B 167 -15.85 -23.29 0.72
CA LYS B 167 -15.54 -23.53 2.12
C LYS B 167 -15.42 -22.20 2.93
N VAL B 168 -15.41 -22.30 4.27
CA VAL B 168 -15.03 -21.20 5.17
C VAL B 168 -13.67 -21.55 5.85
N THR B 169 -12.75 -20.57 5.95
CA THR B 169 -11.47 -20.67 6.65
C THR B 169 -11.50 -19.63 7.77
N HIS B 170 -11.07 -20.04 8.97
CA HIS B 170 -10.95 -19.16 10.11
C HIS B 170 -9.48 -18.89 10.35
N VAL B 171 -9.13 -17.62 10.50
CA VAL B 171 -7.76 -17.18 10.73
C VAL B 171 -7.72 -16.48 12.06
N MET B 172 -6.94 -17.05 13.00
CA MET B 172 -6.85 -16.44 14.30
C MET B 172 -6.07 -15.14 14.21
N ILE B 173 -6.55 -14.13 14.92
CA ILE B 173 -5.93 -12.82 15.01
C ILE B 173 -5.64 -12.66 16.44
N ARG B 174 -4.34 -12.67 16.81
CA ARG B 174 -3.94 -12.38 18.16
C ARG B 174 -3.89 -10.91 18.43
N CYS B 175 -4.31 -10.51 19.64
CA CYS B 175 -4.14 -9.15 20.09
C CYS B 175 -3.09 -9.25 21.19
N GLN B 176 -1.91 -8.65 20.96
CA GLN B 176 -0.80 -8.64 21.91
C GLN B 176 -0.37 -7.19 22.06
N GLU B 177 -0.54 -6.60 23.25
CA GLU B 177 -0.16 -5.22 23.57
C GLU B 177 -0.81 -4.21 22.63
N LEU B 178 -2.11 -4.35 22.41
CA LEU B 178 -2.94 -3.49 21.56
C LEU B 178 -2.51 -3.42 20.10
N LYS B 179 -1.81 -4.46 19.64
CA LYS B 179 -1.53 -4.67 18.23
C LYS B 179 -2.04 -6.06 17.81
N TYR B 180 -2.38 -6.18 16.54
CA TYR B 180 -3.07 -7.33 15.95
C TYR B 180 -2.18 -8.01 14.95
N ASP B 181 -2.16 -9.34 14.96
CA ASP B 181 -1.40 -10.11 13.96
C ASP B 181 -2.04 -11.46 13.70
N VAL B 182 -1.67 -12.09 12.59
CA VAL B 182 -2.18 -13.41 12.23
C VAL B 182 -1.19 -14.55 12.52
N GLY B 183 -0.33 -14.38 13.54
CA GLY B 183 0.61 -15.42 13.96
C GLY B 183 2.05 -15.22 13.52
N GLY B 184 2.28 -14.25 12.67
CA GLY B 184 3.60 -13.92 12.15
C GLY B 184 3.54 -12.67 11.27
N GLY B 185 4.69 -12.08 10.97
CA GLY B 185 4.82 -10.90 10.12
C GLY B 185 4.56 -9.59 10.85
N GLU B 186 3.73 -8.73 10.24
CA GLU B 186 3.45 -7.41 10.75
C GLU B 186 2.48 -7.41 11.90
N ARG B 187 2.65 -6.49 12.81
CA ARG B 187 1.72 -6.25 13.91
C ARG B 187 1.05 -4.91 13.64
N PHE B 188 -0.25 -4.92 13.58
CA PHE B 188 -1.06 -3.78 13.18
C PHE B 188 -1.64 -3.01 14.35
N ASP B 189 -1.73 -1.68 14.21
CA ASP B 189 -2.27 -0.82 15.25
C ASP B 189 -3.78 -0.90 15.40
N SER B 190 -4.48 -1.46 14.39
CA SER B 190 -5.91 -1.72 14.54
C SER B 190 -6.32 -2.89 13.66
N LEU B 191 -7.49 -3.45 13.92
CA LEU B 191 -8.07 -4.43 13.02
C LEU B 191 -8.27 -3.89 11.61
N THR B 192 -8.69 -2.59 11.47
CA THR B 192 -8.77 -1.94 10.15
C THR B 192 -7.47 -2.02 9.37
N ASP B 193 -6.33 -1.67 10.01
CA ASP B 193 -5.04 -1.70 9.29
C ASP B 193 -4.72 -3.14 8.84
N LEU B 194 -5.03 -4.12 9.71
CA LEU B 194 -4.82 -5.54 9.39
C LEU B 194 -5.65 -5.94 8.20
N VAL B 195 -6.96 -5.65 8.23
CA VAL B 195 -7.86 -6.07 7.15
C VAL B 195 -7.44 -5.41 5.85
N GLU B 196 -7.14 -4.08 5.89
CA GLU B 196 -6.71 -3.37 4.69
C GLU B 196 -5.45 -3.95 4.09
N HIS B 197 -4.46 -4.31 4.91
CA HIS B 197 -3.26 -4.96 4.43
C HIS B 197 -3.56 -6.27 3.74
N TYR B 198 -4.42 -7.11 4.34
CA TYR B 198 -4.67 -8.43 3.77
C TYR B 198 -5.74 -8.37 2.66
N LYS B 199 -6.48 -7.24 2.47
CA LYS B 199 -7.27 -6.96 1.26
C LYS B 199 -6.35 -6.72 0.05
N LYS B 200 -5.18 -6.07 0.26
CA LYS B 200 -4.23 -5.77 -0.81
C LYS B 200 -3.26 -6.92 -1.06
N ASN B 201 -2.85 -7.60 0.01
CA ASN B 201 -1.86 -8.68 -0.01
C ASN B 201 -2.52 -9.91 0.61
N PRO B 202 -3.42 -10.58 -0.13
CA PRO B 202 -4.15 -11.72 0.47
C PRO B 202 -3.27 -12.87 0.95
N MET B 203 -3.66 -13.45 2.10
CA MET B 203 -3.03 -14.64 2.65
C MET B 203 -3.18 -15.81 1.66
N VAL B 204 -2.16 -16.67 1.60
CA VAL B 204 -2.16 -17.85 0.72
C VAL B 204 -1.95 -19.05 1.65
N GLU B 205 -2.83 -20.04 1.55
CA GLU B 205 -2.67 -21.29 2.29
C GLU B 205 -1.54 -22.13 1.68
N THR B 206 -0.97 -23.06 2.49
CA THR B 206 0.12 -24.00 2.10
C THR B 206 -0.14 -24.62 0.72
N LEU B 207 -1.38 -25.08 0.50
CA LEU B 207 -1.76 -25.75 -0.75
C LEU B 207 -2.35 -24.85 -1.82
N GLY B 208 -2.35 -23.52 -1.60
CA GLY B 208 -2.50 -22.56 -2.68
C GLY B 208 -3.77 -21.73 -2.70
N THR B 209 -4.76 -22.04 -1.84
CA THR B 209 -5.96 -21.21 -1.78
C THR B 209 -5.61 -19.79 -1.28
N VAL B 210 -6.05 -18.79 -2.08
CA VAL B 210 -5.82 -17.37 -1.80
C VAL B 210 -7.06 -16.94 -1.03
N LEU B 211 -6.87 -16.47 0.19
CA LEU B 211 -7.97 -15.98 1.02
C LEU B 211 -8.28 -14.52 0.68
N GLN B 212 -8.88 -14.34 -0.50
CA GLN B 212 -9.31 -13.04 -1.00
C GLN B 212 -10.40 -12.45 -0.11
N LEU B 213 -10.17 -11.23 0.40
CA LEU B 213 -11.16 -10.47 1.15
C LEU B 213 -11.84 -9.47 0.18
N LYS B 214 -12.91 -9.92 -0.44
CA LYS B 214 -13.51 -9.26 -1.59
C LYS B 214 -14.63 -8.32 -1.10
N GLN B 215 -15.50 -8.80 -0.20
CA GLN B 215 -16.59 -7.98 0.31
C GLN B 215 -16.99 -8.40 1.68
N PRO B 216 -17.38 -7.44 2.56
CA PRO B 216 -17.86 -7.84 3.88
C PRO B 216 -19.12 -8.67 3.74
N LEU B 217 -19.40 -9.51 4.75
CA LEU B 217 -20.68 -10.17 4.83
C LEU B 217 -21.79 -9.12 5.00
N ASN B 218 -22.91 -9.30 4.29
CA ASN B 218 -24.03 -8.40 4.40
C ASN B 218 -24.90 -8.83 5.57
N THR B 219 -25.18 -7.91 6.49
CA THR B 219 -26.02 -8.11 7.65
C THR B 219 -27.31 -7.23 7.64
N THR B 220 -27.47 -6.37 6.63
CA THR B 220 -28.57 -5.37 6.68
C THR B 220 -29.73 -5.72 5.76
N ARG B 221 -29.46 -6.47 4.68
CA ARG B 221 -30.52 -6.96 3.81
C ARG B 221 -31.42 -7.90 4.59
N ILE B 222 -32.72 -7.60 4.59
CA ILE B 222 -33.74 -8.33 5.31
C ILE B 222 -34.84 -8.65 4.34
N ASN B 223 -35.65 -9.69 4.65
CA ASN B 223 -36.87 -9.90 3.92
C ASN B 223 -37.87 -8.89 4.45
N ALA B 224 -38.68 -8.28 3.58
CA ALA B 224 -39.57 -7.20 3.96
C ALA B 224 -40.66 -7.62 4.95
N ALA B 225 -41.12 -8.88 4.86
CA ALA B 225 -42.12 -9.37 5.82
C ALA B 225 -41.48 -9.52 7.24
N GLU B 226 -40.14 -9.56 7.35
CA GLU B 226 -39.41 -9.60 8.63
C GLU B 226 -39.13 -8.19 9.22
N ILE B 227 -39.69 -7.11 8.63
CA ILE B 227 -39.32 -5.75 9.02
C ILE B 227 -39.57 -5.44 10.50
N GLU B 228 -40.73 -5.82 11.01
CA GLU B 228 -41.15 -5.57 12.39
C GLU B 228 -40.15 -6.17 13.39
N SER B 229 -39.57 -7.35 13.11
CA SER B 229 -38.65 -7.99 14.02
C SER B 229 -37.26 -7.36 13.90
N ARG B 230 -36.84 -6.95 12.70
CA ARG B 230 -35.62 -6.17 12.56
C ARG B 230 -35.73 -4.83 13.32
N VAL B 231 -36.85 -4.12 13.18
CA VAL B 231 -37.08 -2.83 13.84
C VAL B 231 -37.07 -3.06 15.36
N ARG B 232 -37.79 -4.09 15.84
CA ARG B 232 -37.72 -4.48 17.27
C ARG B 232 -36.27 -4.67 17.76
N GLU B 233 -35.45 -5.45 17.05
CA GLU B 233 -34.04 -5.64 17.38
C GLU B 233 -33.24 -4.33 17.38
N LEU B 234 -33.42 -3.48 16.34
CA LEU B 234 -32.70 -2.21 16.25
C LEU B 234 -33.16 -1.19 17.29
N SER B 235 -34.39 -1.32 17.81
CA SER B 235 -34.90 -0.42 18.82
C SER B 235 -34.41 -0.71 20.24
N LYS B 236 -33.66 -1.80 20.46
CA LYS B 236 -32.90 -2.10 21.70
C LYS B 236 -33.27 -1.30 22.96
N GLY B 247 -28.37 -2.17 17.39
CA GLY B 247 -29.15 -0.94 17.50
C GLY B 247 -29.18 -0.07 16.21
N PHE B 248 -30.17 0.83 16.10
CA PHE B 248 -30.21 1.83 15.03
C PHE B 248 -28.96 2.68 14.99
N TRP B 249 -28.48 3.14 16.18
CA TRP B 249 -27.31 4.00 16.31
C TRP B 249 -26.09 3.36 15.64
N GLU B 250 -25.87 2.07 15.91
CA GLU B 250 -24.70 1.36 15.44
C GLU B 250 -24.80 1.04 13.94
N GLU B 251 -26.02 0.70 13.46
CA GLU B 251 -26.20 0.45 12.03
C GLU B 251 -25.97 1.76 11.23
N PHE B 252 -26.47 2.89 11.76
CA PHE B 252 -26.28 4.19 11.14
C PHE B 252 -24.81 4.59 11.12
N GLU B 253 -24.04 4.33 12.22
CA GLU B 253 -22.62 4.63 12.23
C GLU B 253 -21.90 3.89 11.11
N THR B 254 -22.21 2.60 10.91
CA THR B 254 -21.55 1.80 9.92
C THR B 254 -21.85 2.32 8.52
N LEU B 255 -23.13 2.71 8.28
CA LEU B 255 -23.45 3.40 7.05
C LEU B 255 -22.65 4.71 6.91
N GLN B 256 -22.66 5.58 7.91
CA GLN B 256 -22.01 6.88 7.85
C GLN B 256 -20.52 6.77 7.48
N GLN B 257 -19.84 5.75 8.00
CA GLN B 257 -18.43 5.51 7.65
C GLN B 257 -18.18 5.41 6.15
N GLN B 258 -19.16 4.85 5.43
CA GLN B 258 -19.04 4.63 3.99
CA GLN B 258 -19.02 4.67 3.99
C GLN B 258 -19.07 5.94 3.16
N GLU B 259 -19.47 7.07 3.78
CA GLU B 259 -19.43 8.37 3.10
C GLU B 259 -18.01 8.76 2.69
N CYS B 260 -16.98 8.22 3.37
CA CYS B 260 -15.61 8.54 3.00
C CYS B 260 -15.28 8.06 1.58
N LYS B 261 -16.03 7.10 1.02
CA LYS B 261 -15.87 6.61 -0.36
C LYS B 261 -16.49 7.58 -1.39
N LEU B 262 -17.20 8.63 -0.95
CA LEU B 262 -18.07 9.37 -1.86
C LEU B 262 -17.62 10.82 -2.08
N LEU B 263 -16.30 11.08 -1.93
CA LEU B 263 -15.79 12.42 -2.16
C LEU B 263 -15.54 12.68 -3.64
N TYR B 264 -16.60 12.62 -4.39
CA TYR B 264 -16.60 12.89 -5.81
C TYR B 264 -16.49 14.33 -6.13
N SER B 265 -15.98 14.63 -7.35
CA SER B 265 -15.75 16.03 -7.70
C SER B 265 -17.07 16.84 -7.85
N ARG B 266 -16.99 18.11 -7.45
CA ARG B 266 -18.05 19.08 -7.39
CA ARG B 266 -18.08 19.09 -7.54
C ARG B 266 -17.53 20.41 -8.06
N LYS B 267 -16.70 20.30 -9.11
CA LYS B 267 -16.05 21.47 -9.71
C LYS B 267 -16.96 22.47 -10.33
N GLU B 268 -18.04 22.03 -11.04
CA GLU B 268 -18.92 22.98 -11.68
C GLU B 268 -19.58 23.92 -10.65
N GLY B 269 -20.08 23.35 -9.55
CA GLY B 269 -20.70 24.13 -8.48
C GLY B 269 -19.77 25.12 -7.78
N GLN B 270 -18.46 24.86 -7.87
CA GLN B 270 -17.39 25.71 -7.30
C GLN B 270 -16.99 26.89 -8.19
N ARG B 271 -17.46 26.96 -9.45
CA ARG B 271 -17.08 28.10 -10.32
C ARG B 271 -17.73 29.38 -9.86
N GLN B 272 -16.96 30.54 -9.91
CA GLN B 272 -17.42 31.87 -9.55
C GLN B 272 -18.79 32.18 -10.11
N GLU B 273 -18.99 31.84 -11.38
CA GLU B 273 -20.20 32.09 -12.15
C GLU B 273 -21.41 31.36 -11.53
N ASN B 274 -21.17 30.26 -10.83
CA ASN B 274 -22.19 29.44 -10.22
C ASN B 274 -22.35 29.61 -8.71
N LYS B 275 -21.40 30.30 -8.05
CA LYS B 275 -21.39 30.40 -6.60
C LYS B 275 -22.75 30.87 -6.02
N ASN B 276 -23.35 31.89 -6.60
CA ASN B 276 -24.60 32.45 -6.10
C ASN B 276 -25.86 31.73 -6.58
N LYS B 277 -25.69 30.63 -7.31
CA LYS B 277 -26.78 29.72 -7.67
C LYS B 277 -26.93 28.59 -6.63
N ASN B 278 -26.06 28.56 -5.59
CA ASN B 278 -26.10 27.59 -4.50
C ASN B 278 -26.69 28.24 -3.25
N ARG B 279 -27.66 27.58 -2.62
CA ARG B 279 -28.21 28.07 -1.35
C ARG B 279 -27.11 28.12 -0.27
N TYR B 280 -26.27 27.11 -0.24
CA TYR B 280 -25.14 26.99 0.65
C TYR B 280 -23.90 26.72 -0.18
N LYS B 281 -22.86 27.54 0.00
CA LYS B 281 -21.68 27.51 -0.89
C LYS B 281 -20.96 26.17 -0.99
N ASN B 282 -20.96 25.36 0.06
CA ASN B 282 -20.28 24.06 0.05
C ASN B 282 -21.21 22.86 -0.11
N ILE B 283 -22.53 23.05 -0.33
CA ILE B 283 -23.45 21.93 -0.59
C ILE B 283 -23.72 21.99 -2.09
N LEU B 284 -23.07 21.10 -2.80
CA LEU B 284 -22.93 21.16 -4.25
C LEU B 284 -23.26 19.84 -4.90
N PRO B 285 -23.72 19.90 -6.17
CA PRO B 285 -24.00 18.64 -6.87
C PRO B 285 -22.75 18.01 -7.42
N PHE B 286 -22.66 16.70 -7.37
CA PHE B 286 -21.56 15.97 -8.02
C PHE B 286 -21.53 16.26 -9.51
N ASP B 287 -20.36 16.55 -10.06
CA ASP B 287 -20.27 16.76 -11.53
C ASP B 287 -20.85 15.61 -12.35
N HIS B 288 -20.61 14.37 -11.98
CA HIS B 288 -20.95 13.19 -12.79
C HIS B 288 -22.45 12.88 -12.81
N THR B 289 -23.23 13.43 -11.86
CA THR B 289 -24.70 13.27 -11.90
C THR B 289 -25.53 14.59 -11.92
N ARG B 290 -24.87 15.77 -12.03
CA ARG B 290 -25.59 17.04 -12.02
C ARG B 290 -26.48 17.11 -13.24
N VAL B 291 -27.56 17.84 -13.09
CA VAL B 291 -28.43 18.13 -14.18
C VAL B 291 -27.78 19.27 -14.99
N VAL B 292 -27.43 18.98 -16.25
CA VAL B 292 -26.84 19.99 -17.14
C VAL B 292 -27.95 20.68 -17.94
N LEU B 293 -28.09 22.01 -17.86
CA LEU B 293 -29.10 22.73 -18.64
C LEU B 293 -28.56 23.12 -20.02
N HIS B 294 -29.27 22.73 -21.05
CA HIS B 294 -28.89 23.03 -22.44
C HIS B 294 -29.72 24.22 -22.94
N ASP B 295 -29.44 24.68 -24.14
CA ASP B 295 -30.25 25.73 -24.80
C ASP B 295 -30.34 27.03 -23.99
N GLY B 296 -29.31 27.35 -23.24
CA GLY B 296 -29.30 28.57 -22.44
C GLY B 296 -29.07 29.81 -23.28
N ASP B 297 -29.21 30.98 -22.66
CA ASP B 297 -28.92 32.28 -23.31
C ASP B 297 -27.46 32.28 -23.81
N PRO B 298 -27.19 32.45 -25.13
CA PRO B 298 -25.77 32.50 -25.57
C PRO B 298 -24.95 33.63 -24.95
N ASN B 299 -25.61 34.73 -24.52
CA ASN B 299 -24.94 35.86 -23.89
C ASN B 299 -24.43 35.59 -22.46
N GLU B 300 -24.61 34.37 -21.92
CA GLU B 300 -24.19 34.07 -20.54
C GLU B 300 -22.68 33.86 -20.45
N SER B 303 -24.56 29.22 -18.43
CA SER B 303 -26.00 29.01 -18.39
C SER B 303 -26.39 27.54 -18.19
N ASP B 304 -25.44 26.60 -17.94
CA ASP B 304 -25.76 25.18 -17.87
C ASP B 304 -25.95 24.64 -16.44
N TYR B 305 -26.03 25.50 -15.43
CA TYR B 305 -25.83 25.08 -14.03
C TYR B 305 -27.06 25.28 -13.21
N ILE B 306 -27.41 24.21 -12.45
CA ILE B 306 -28.39 24.23 -11.38
C ILE B 306 -27.93 23.24 -10.31
N ASN B 307 -28.21 23.56 -9.07
CA ASN B 307 -27.82 22.73 -7.94
C ASN B 307 -28.87 21.62 -7.84
N ALA B 308 -28.60 20.55 -8.61
CA ALA B 308 -29.54 19.45 -8.79
C ALA B 308 -28.79 18.26 -9.31
N ASN B 309 -29.22 17.08 -8.90
CA ASN B 309 -28.64 15.84 -9.43
C ASN B 309 -29.74 14.82 -9.79
N ILE B 310 -29.48 14.07 -10.81
CA ILE B 310 -30.30 12.91 -11.19
C ILE B 310 -30.01 11.83 -10.17
N ILE B 311 -31.10 11.21 -9.68
CA ILE B 311 -31.03 10.06 -8.79
C ILE B 311 -31.72 8.94 -9.52
N MET B 312 -30.92 7.94 -9.84
CA MET B 312 -31.37 6.72 -10.54
C MET B 312 -31.33 5.61 -9.50
N PRO B 313 -32.44 4.93 -9.22
CA PRO B 313 -32.31 3.72 -8.37
C PRO B 313 -31.52 2.61 -9.11
N GLU B 314 -30.81 1.74 -8.41
CA GLU B 314 -30.04 0.65 -9.03
C GLU B 314 -29.54 -0.34 -7.99
N LYS B 325 -39.61 2.03 -11.03
CA LYS B 325 -38.70 2.33 -12.10
C LYS B 325 -38.65 3.85 -12.44
N LYS B 326 -39.24 4.73 -11.62
CA LYS B 326 -39.04 6.18 -11.79
C LYS B 326 -37.59 6.55 -11.44
N SER B 327 -37.14 7.67 -11.96
CA SER B 327 -35.92 8.33 -11.50
C SER B 327 -36.39 9.67 -10.86
N TYR B 328 -35.50 10.33 -10.17
CA TYR B 328 -35.74 11.57 -9.51
C TYR B 328 -34.71 12.62 -9.89
N ILE B 329 -35.06 13.85 -9.69
CA ILE B 329 -34.10 14.92 -9.57
C ILE B 329 -34.17 15.43 -8.14
N ALA B 330 -33.07 15.38 -7.44
CA ALA B 330 -32.97 15.97 -6.12
C ALA B 330 -32.32 17.33 -6.26
N THR B 331 -33.00 18.33 -5.73
CA THR B 331 -32.53 19.72 -5.87
C THR B 331 -32.84 20.52 -4.62
N GLN B 332 -32.26 21.71 -4.56
CA GLN B 332 -32.50 22.67 -3.49
C GLN B 332 -33.76 23.48 -3.71
N GLY B 333 -34.23 24.16 -2.66
CA GLY B 333 -35.28 25.16 -2.77
C GLY B 333 -34.75 26.32 -3.60
N CYS B 334 -35.55 26.81 -4.55
CA CYS B 334 -35.17 27.94 -5.40
C CYS B 334 -34.72 29.12 -4.61
N LEU B 335 -33.73 29.78 -5.18
CA LEU B 335 -33.41 31.15 -4.82
C LEU B 335 -34.06 32.07 -5.83
N GLN B 336 -34.18 33.37 -5.49
CA GLN B 336 -34.83 34.32 -6.41
C GLN B 336 -34.16 34.29 -7.80
N ASN B 337 -32.84 34.20 -7.83
CA ASN B 337 -32.06 34.13 -9.05
C ASN B 337 -31.90 32.75 -9.69
N THR B 338 -32.60 31.70 -9.16
CA THR B 338 -32.57 30.40 -9.82
C THR B 338 -33.94 29.92 -10.21
N VAL B 339 -35.04 30.72 -10.01
CA VAL B 339 -36.40 30.28 -10.39
C VAL B 339 -36.45 29.97 -11.90
N ASN B 340 -35.88 30.85 -12.73
CA ASN B 340 -35.92 30.60 -14.18
C ASN B 340 -35.21 29.32 -14.57
N ASP B 341 -34.05 29.05 -13.94
CA ASP B 341 -33.27 27.84 -14.17
C ASP B 341 -34.01 26.59 -13.72
N PHE B 342 -34.76 26.70 -12.61
CA PHE B 342 -35.59 25.60 -12.13
C PHE B 342 -36.62 25.21 -13.20
N TRP B 343 -37.29 26.20 -13.78
CA TRP B 343 -38.32 25.89 -14.79
C TRP B 343 -37.67 25.38 -16.09
N ARG B 344 -36.49 25.87 -16.45
CA ARG B 344 -35.73 25.34 -17.57
C ARG B 344 -35.42 23.85 -17.36
N MET B 345 -35.03 23.49 -16.14
CA MET B 345 -34.79 22.09 -15.79
C MET B 345 -36.03 21.23 -15.92
N VAL B 346 -37.13 21.66 -15.33
CA VAL B 346 -38.37 20.92 -15.35
C VAL B 346 -38.80 20.66 -16.82
N PHE B 347 -38.75 21.71 -17.63
CA PHE B 347 -39.13 21.63 -19.03
C PHE B 347 -38.20 20.65 -19.77
N GLN B 348 -36.88 20.86 -19.68
CA GLN B 348 -35.92 20.03 -20.39
C GLN B 348 -35.99 18.53 -20.06
N GLU B 349 -36.16 18.22 -18.77
CA GLU B 349 -36.20 16.83 -18.33
C GLU B 349 -37.57 16.18 -18.46
N ASN B 350 -38.56 16.93 -18.93
CA ASN B 350 -39.90 16.46 -19.13
C ASN B 350 -40.55 16.02 -17.81
N SER B 351 -40.12 16.61 -16.67
CA SER B 351 -40.69 16.29 -15.38
C SER B 351 -42.14 16.77 -15.36
N ARG B 352 -43.03 15.89 -14.85
CA ARG B 352 -44.44 16.18 -14.74
C ARG B 352 -44.95 16.23 -13.29
N VAL B 353 -44.08 15.91 -12.30
CA VAL B 353 -44.44 15.87 -10.92
C VAL B 353 -43.26 16.53 -10.12
N ILE B 354 -43.60 17.50 -9.25
CA ILE B 354 -42.70 18.12 -8.29
C ILE B 354 -43.17 17.79 -6.89
N VAL B 355 -42.24 17.44 -6.03
CA VAL B 355 -42.45 17.19 -4.61
C VAL B 355 -41.67 18.24 -3.87
N MET B 356 -42.39 19.11 -3.10
CA MET B 356 -41.74 20.12 -2.27
C MET B 356 -41.92 19.71 -0.84
N THR B 357 -40.85 19.65 -0.03
CA THR B 357 -40.98 19.07 1.32
C THR B 357 -40.68 20.03 2.45
N THR B 358 -40.78 21.31 2.21
CA THR B 358 -40.69 22.33 3.26
C THR B 358 -41.83 23.32 3.02
N LYS B 359 -42.25 24.01 4.07
CA LYS B 359 -42.88 25.31 3.86
C LYS B 359 -41.90 26.30 3.24
N GLU B 360 -42.43 27.37 2.63
CA GLU B 360 -41.58 28.46 2.08
C GLU B 360 -40.74 29.07 3.18
N VAL B 361 -41.31 29.19 4.39
CA VAL B 361 -40.65 29.75 5.54
C VAL B 361 -40.90 28.80 6.71
N GLU B 362 -39.87 28.49 7.48
CA GLU B 362 -40.01 27.68 8.70
C GLU B 362 -39.17 28.29 9.77
N ARG B 363 -39.66 28.38 11.04
CA ARG B 363 -38.87 29.05 12.12
C ARG B 363 -38.28 30.44 11.65
N GLY B 364 -39.10 31.19 10.89
CA GLY B 364 -38.88 32.52 10.35
C GLY B 364 -37.84 32.74 9.27
N LYS B 365 -37.30 31.67 8.67
CA LYS B 365 -36.28 31.79 7.63
C LYS B 365 -36.78 31.22 6.30
N SER B 366 -36.38 31.81 5.18
CA SER B 366 -36.81 31.38 3.85
C SER B 366 -36.07 30.07 3.54
N LYS B 367 -36.82 29.03 3.26
CA LYS B 367 -36.28 27.73 2.82
C LYS B 367 -36.43 27.49 1.31
N CYS B 368 -37.39 28.16 0.69
CA CYS B 368 -37.60 28.07 -0.75
C CYS B 368 -38.40 29.26 -1.20
N VAL B 369 -37.98 29.99 -2.24
CA VAL B 369 -38.82 31.05 -2.75
C VAL B 369 -40.07 30.45 -3.44
N LYS B 370 -41.15 31.20 -3.45
CA LYS B 370 -42.33 30.82 -4.20
C LYS B 370 -41.98 30.90 -5.68
N TYR B 371 -41.89 29.75 -6.32
CA TYR B 371 -41.58 29.71 -7.76
C TYR B 371 -42.81 29.40 -8.64
N TRP B 372 -44.02 29.45 -8.08
CA TRP B 372 -45.22 29.08 -8.81
C TRP B 372 -46.18 30.26 -8.68
N PRO B 373 -47.10 30.44 -9.64
CA PRO B 373 -48.08 31.51 -9.52
C PRO B 373 -49.15 31.25 -8.50
N ASP B 374 -49.80 32.32 -8.02
CA ASP B 374 -51.04 32.18 -7.25
C ASP B 374 -52.11 31.42 -8.04
N GLU B 375 -53.09 30.82 -7.34
CA GLU B 375 -54.17 30.08 -8.02
C GLU B 375 -54.86 30.93 -9.06
N TYR B 376 -55.09 30.35 -10.25
CA TYR B 376 -55.70 30.95 -11.44
C TYR B 376 -54.79 31.96 -12.13
N ALA B 377 -53.61 32.28 -11.61
CA ALA B 377 -52.71 33.26 -12.20
C ALA B 377 -51.68 32.59 -13.19
N LEU B 378 -51.14 33.40 -14.08
CA LEU B 378 -50.19 32.99 -15.11
C LEU B 378 -48.98 33.90 -14.89
N LYS B 379 -47.77 33.33 -14.89
CA LYS B 379 -46.56 34.09 -14.79
C LYS B 379 -45.53 33.59 -15.82
N GLU B 380 -44.67 34.52 -16.33
CA GLU B 380 -43.49 34.13 -17.09
C GLU B 380 -42.28 34.14 -16.20
N TYR B 381 -41.45 33.12 -16.32
CA TYR B 381 -40.22 32.93 -15.61
C TYR B 381 -39.19 32.77 -16.73
N GLY B 382 -38.58 33.89 -17.15
CA GLY B 382 -37.77 33.92 -18.35
C GLY B 382 -38.56 33.43 -19.57
N VAL B 383 -38.01 32.43 -20.30
CA VAL B 383 -38.63 31.85 -21.49
C VAL B 383 -39.80 30.91 -21.17
N MET B 384 -40.02 30.58 -19.89
CA MET B 384 -41.08 29.61 -19.51
C MET B 384 -42.29 30.35 -18.98
N ARG B 385 -43.46 29.83 -19.26
CA ARG B 385 -44.73 30.35 -18.82
C ARG B 385 -45.39 29.28 -17.97
N VAL B 386 -45.94 29.69 -16.83
CA VAL B 386 -46.62 28.76 -15.94
C VAL B 386 -47.95 29.34 -15.55
N ARG B 387 -49.01 28.52 -15.68
CA ARG B 387 -50.35 28.79 -15.19
C ARG B 387 -50.66 27.92 -14.01
N ASN B 388 -51.15 28.49 -12.92
CA ASN B 388 -51.69 27.69 -11.81
C ASN B 388 -53.17 27.51 -12.11
N VAL B 389 -53.54 26.34 -12.64
CA VAL B 389 -54.90 26.02 -13.09
C VAL B 389 -55.84 25.86 -11.90
N LYS B 390 -55.37 25.25 -10.81
CA LYS B 390 -56.23 24.84 -9.67
C LYS B 390 -55.37 24.26 -8.55
N GLU B 391 -55.68 24.65 -7.31
CA GLU B 391 -55.09 24.07 -6.14
C GLU B 391 -56.14 23.24 -5.37
N SER B 392 -55.68 22.18 -4.75
CA SER B 392 -56.54 21.26 -4.00
C SER B 392 -55.81 21.06 -2.69
N ALA B 393 -56.44 21.45 -1.56
CA ALA B 393 -55.82 21.31 -0.27
C ALA B 393 -56.23 19.99 0.39
N ALA B 394 -55.25 19.26 0.91
CA ALA B 394 -55.45 18.14 1.79
C ALA B 394 -54.85 18.61 3.16
N HIS B 395 -54.98 17.80 4.23
CA HIS B 395 -54.43 18.15 5.52
C HIS B 395 -52.88 18.27 5.43
N ASP B 396 -52.26 17.25 4.85
CA ASP B 396 -50.80 17.17 4.88
C ASP B 396 -50.13 17.88 3.72
N TYR B 397 -50.84 18.22 2.67
CA TYR B 397 -50.28 18.76 1.47
C TYR B 397 -51.28 19.55 0.65
N THR B 398 -50.75 20.46 -0.18
CA THR B 398 -51.48 21.07 -1.25
C THR B 398 -51.00 20.58 -2.59
N LEU B 399 -51.90 20.29 -3.49
CA LEU B 399 -51.61 19.94 -4.88
C LEU B 399 -51.91 21.15 -5.74
N ARG B 400 -50.98 21.55 -6.56
CA ARG B 400 -51.16 22.65 -7.51
C ARG B 400 -51.00 22.04 -8.89
N GLU B 401 -52.05 22.19 -9.72
CA GLU B 401 -52.03 21.72 -11.08
C GLU B 401 -51.46 22.87 -11.92
N LEU B 402 -50.24 22.71 -12.43
CA LEU B 402 -49.55 23.81 -13.11
C LEU B 402 -49.51 23.44 -14.59
N LYS B 403 -49.55 24.43 -15.48
CA LYS B 403 -49.36 24.19 -16.91
C LYS B 403 -48.13 24.95 -17.33
N LEU B 404 -47.14 24.24 -17.85
CA LEU B 404 -45.85 24.79 -18.19
C LEU B 404 -45.64 24.75 -19.72
N SER B 405 -45.17 25.83 -20.30
CA SER B 405 -44.95 25.93 -21.74
C SER B 405 -43.81 26.90 -22.00
N LYS B 406 -43.20 26.84 -23.19
CA LYS B 406 -42.22 27.83 -23.59
C LYS B 406 -43.01 28.97 -24.26
N VAL B 407 -42.63 30.18 -23.93
CA VAL B 407 -43.20 31.37 -24.51
C VAL B 407 -42.99 31.33 -26.04
N GLY B 408 -44.03 31.67 -26.80
CA GLY B 408 -43.94 31.67 -28.25
C GLY B 408 -44.19 30.32 -28.90
N GLN B 409 -44.36 29.25 -28.10
CA GLN B 409 -44.46 27.88 -28.61
C GLN B 409 -45.56 27.19 -27.85
N GLY B 410 -46.80 27.45 -28.24
CA GLY B 410 -47.95 26.96 -27.49
C GLY B 410 -48.08 25.44 -27.44
N ASN B 411 -47.60 24.74 -28.52
CA ASN B 411 -47.68 23.29 -28.58
C ASN B 411 -46.67 22.58 -27.63
N THR B 412 -45.92 23.32 -26.82
CA THR B 412 -45.02 22.74 -25.82
C THR B 412 -45.66 22.59 -24.46
N GLU B 413 -46.93 22.94 -24.28
CA GLU B 413 -47.56 22.88 -22.97
C GLU B 413 -47.62 21.48 -22.44
N ARG B 414 -47.36 21.34 -21.13
CA ARG B 414 -47.61 20.08 -20.43
C ARG B 414 -48.01 20.42 -18.98
N THR B 415 -48.83 19.55 -18.34
CA THR B 415 -49.23 19.72 -16.95
C THR B 415 -48.09 19.22 -16.05
N VAL B 416 -47.74 20.01 -15.02
CA VAL B 416 -46.80 19.67 -13.97
C VAL B 416 -47.60 19.73 -12.68
N TRP B 417 -47.64 18.62 -11.94
CA TRP B 417 -48.39 18.50 -10.72
C TRP B 417 -47.45 18.72 -9.57
N GLN B 418 -47.66 19.81 -8.84
CA GLN B 418 -46.78 20.11 -7.70
C GLN B 418 -47.47 19.69 -6.39
N TYR B 419 -46.84 18.73 -5.68
CA TYR B 419 -47.27 18.18 -4.41
C TYR B 419 -46.47 18.83 -3.33
N HIS B 420 -47.10 19.70 -2.59
CA HIS B 420 -46.40 20.53 -1.59
C HIS B 420 -46.73 20.03 -0.17
N PHE B 421 -45.82 19.26 0.44
CA PHE B 421 -46.03 18.68 1.74
C PHE B 421 -45.83 19.82 2.78
N ARG B 422 -46.80 19.95 3.66
CA ARG B 422 -46.85 21.11 4.56
C ARG B 422 -46.70 20.75 6.04
N THR B 423 -46.84 19.49 6.44
CA THR B 423 -46.86 19.14 7.87
C THR B 423 -45.58 18.52 8.42
N TRP B 424 -44.45 18.56 7.66
CA TRP B 424 -43.20 18.11 8.22
C TRP B 424 -42.85 19.04 9.47
N PRO B 425 -42.52 18.45 10.60
CA PRO B 425 -42.31 19.27 11.80
C PRO B 425 -41.07 20.15 11.68
N ASP B 426 -41.13 21.23 12.50
CA ASP B 426 -40.08 22.22 12.61
C ASP B 426 -38.82 21.55 13.20
N HIS B 427 -38.99 20.57 14.15
CA HIS B 427 -37.88 19.78 14.72
C HIS B 427 -38.09 18.28 14.48
N GLY B 428 -37.02 17.59 14.14
CA GLY B 428 -37.03 16.14 13.95
C GLY B 428 -37.82 15.70 12.75
N VAL B 429 -38.57 14.63 12.96
CA VAL B 429 -39.24 13.92 11.90
C VAL B 429 -40.72 13.72 12.35
N PRO B 430 -41.62 13.43 11.40
CA PRO B 430 -43.01 13.12 11.81
C PRO B 430 -43.10 11.94 12.77
N SER B 431 -43.95 12.07 13.81
CA SER B 431 -44.06 10.96 14.78
C SER B 431 -44.81 9.78 14.14
N ASP B 432 -45.65 9.99 13.15
CA ASP B 432 -46.30 8.88 12.46
C ASP B 432 -46.01 9.00 10.91
N PRO B 433 -45.58 7.92 10.24
CA PRO B 433 -45.29 8.02 8.78
C PRO B 433 -46.48 7.98 7.84
N GLY B 434 -47.70 7.87 8.38
CA GLY B 434 -48.92 7.83 7.62
C GLY B 434 -49.11 8.92 6.60
N GLY B 435 -48.91 10.18 6.99
CA GLY B 435 -49.06 11.33 6.12
C GLY B 435 -48.07 11.24 4.94
N VAL B 436 -46.80 10.98 5.24
CA VAL B 436 -45.77 10.82 4.21
C VAL B 436 -46.11 9.67 3.26
N LEU B 437 -46.50 8.51 3.77
CA LEU B 437 -46.82 7.35 2.92
C LEU B 437 -48.02 7.59 2.03
N ASP B 438 -49.09 8.19 2.55
CA ASP B 438 -50.27 8.51 1.74
C ASP B 438 -49.96 9.51 0.64
N PHE B 439 -49.11 10.50 0.99
CA PHE B 439 -48.64 11.51 0.05
C PHE B 439 -47.80 10.85 -1.06
N LEU B 440 -46.82 10.06 -0.69
CA LEU B 440 -45.96 9.41 -1.70
C LEU B 440 -46.80 8.39 -2.56
N GLU B 441 -47.75 7.67 -1.97
CA GLU B 441 -48.70 6.84 -2.78
C GLU B 441 -49.39 7.63 -3.88
N GLU B 442 -49.94 8.82 -3.52
CA GLU B 442 -50.62 9.71 -4.44
C GLU B 442 -49.68 10.24 -5.56
N VAL B 443 -48.45 10.71 -5.17
CA VAL B 443 -47.39 11.08 -6.11
C VAL B 443 -47.07 9.97 -7.07
N HIS B 444 -46.95 8.76 -6.53
CA HIS B 444 -46.59 7.58 -7.34
C HIS B 444 -47.67 7.36 -8.40
N HIS B 445 -48.93 7.39 -7.98
CA HIS B 445 -50.03 7.13 -8.90
C HIS B 445 -50.15 8.21 -9.95
N LYS B 446 -49.91 9.47 -9.60
CA LYS B 446 -49.96 10.57 -10.55
C LYS B 446 -48.89 10.33 -11.61
N GLN B 447 -47.66 10.06 -11.16
CA GLN B 447 -46.54 9.81 -12.06
C GLN B 447 -46.84 8.61 -13.00
N GLU B 448 -47.36 7.51 -12.43
CA GLU B 448 -47.63 6.30 -13.18
C GLU B 448 -48.71 6.54 -14.26
N SER B 449 -49.62 7.47 -14.07
CA SER B 449 -50.69 7.80 -14.99
C SER B 449 -50.25 8.62 -16.19
N ILE B 450 -48.98 9.09 -16.22
CA ILE B 450 -48.60 10.04 -17.24
C ILE B 450 -47.62 9.34 -18.15
N MET B 451 -47.99 9.16 -19.43
CA MET B 451 -47.31 8.24 -20.30
C MET B 451 -45.83 8.57 -20.45
N ASP B 452 -45.45 9.81 -20.76
CA ASP B 452 -43.99 9.98 -21.11
C ASP B 452 -43.18 10.64 -19.97
N ALA B 453 -43.68 10.62 -18.75
CA ALA B 453 -43.14 11.52 -17.71
C ALA B 453 -41.66 11.30 -17.41
N GLY B 454 -40.92 12.40 -17.30
CA GLY B 454 -39.55 12.43 -16.84
C GLY B 454 -39.41 12.22 -15.33
N PRO B 455 -38.21 12.47 -14.81
CA PRO B 455 -37.96 12.25 -13.39
C PRO B 455 -38.83 13.11 -12.50
N VAL B 456 -39.14 12.59 -11.37
CA VAL B 456 -39.89 13.31 -10.35
C VAL B 456 -38.91 14.25 -9.66
N VAL B 457 -39.21 15.56 -9.67
CA VAL B 457 -38.40 16.52 -8.98
C VAL B 457 -38.74 16.58 -7.49
N VAL B 458 -37.74 16.46 -6.62
CA VAL B 458 -37.92 16.50 -5.18
C VAL B 458 -36.99 17.53 -4.59
N HIS B 459 -37.54 18.44 -3.74
CA HIS B 459 -36.71 19.46 -3.19
C HIS B 459 -37.20 19.83 -1.79
N CYS B 460 -36.25 20.23 -0.97
CA CYS B 460 -36.54 20.83 0.33
C CYS B 460 -35.85 22.22 0.35
N SER B 461 -34.99 22.52 1.31
CA SER B 461 -34.11 23.67 1.53
C SER B 461 -32.75 23.40 0.81
N ALA B 462 -31.82 22.63 1.40
CA ALA B 462 -30.56 22.30 0.74
C ALA B 462 -30.70 21.11 -0.26
N GLY B 463 -31.84 20.37 -0.21
CA GLY B 463 -32.11 19.26 -1.09
C GLY B 463 -31.33 17.98 -0.81
N ILE B 464 -30.96 17.75 0.46
CA ILE B 464 -30.25 16.51 0.82
C ILE B 464 -30.94 15.75 1.98
N GLY B 465 -31.46 16.43 3.01
CA GLY B 465 -31.97 15.73 4.21
C GLY B 465 -33.36 15.20 4.04
N ARG B 466 -34.38 16.09 4.11
CA ARG B 466 -35.74 15.72 3.79
C ARG B 466 -35.88 15.13 2.39
N THR B 467 -35.22 15.74 1.41
CA THR B 467 -35.29 15.28 0.03
C THR B 467 -34.78 13.84 -0.09
N GLY B 468 -33.64 13.57 0.55
CA GLY B 468 -33.10 12.21 0.54
C GLY B 468 -33.99 11.24 1.24
N THR B 469 -34.59 11.65 2.36
CA THR B 469 -35.53 10.80 3.12
C THR B 469 -36.75 10.42 2.28
N PHE B 470 -37.40 11.37 1.67
CA PHE B 470 -38.57 11.12 0.82
C PHE B 470 -38.21 10.20 -0.36
N ILE B 471 -37.09 10.48 -1.05
CA ILE B 471 -36.66 9.65 -2.16
C ILE B 471 -36.37 8.19 -1.74
N VAL B 472 -35.64 7.99 -0.63
CA VAL B 472 -35.29 6.65 -0.20
C VAL B 472 -36.56 5.89 0.20
N ILE B 473 -37.50 6.53 0.95
CA ILE B 473 -38.77 5.89 1.24
C ILE B 473 -39.49 5.49 -0.04
N ASP B 474 -39.58 6.41 -0.99
CA ASP B 474 -40.21 6.12 -2.27
C ASP B 474 -39.60 4.94 -3.01
N ILE B 475 -38.26 4.86 -3.03
CA ILE B 475 -37.56 3.73 -3.67
C ILE B 475 -37.92 2.41 -2.97
N LEU B 476 -37.87 2.37 -1.63
CA LEU B 476 -38.19 1.15 -0.88
C LEU B 476 -39.62 0.69 -1.00
N ILE B 477 -40.58 1.60 -0.87
CA ILE B 477 -41.96 1.23 -1.03
C ILE B 477 -42.29 0.86 -2.47
N ASP B 478 -41.63 1.45 -3.46
CA ASP B 478 -41.69 0.97 -4.85
C ASP B 478 -41.37 -0.56 -5.02
N ILE B 479 -40.34 -1.02 -4.38
CA ILE B 479 -40.00 -2.46 -4.38
C ILE B 479 -41.15 -3.29 -3.78
N ILE B 480 -41.65 -2.89 -2.63
CA ILE B 480 -42.71 -3.57 -1.92
C ILE B 480 -44.02 -3.50 -2.68
N ARG B 481 -44.38 -2.36 -3.30
CA ARG B 481 -45.63 -2.23 -4.05
C ARG B 481 -45.60 -3.20 -5.26
N GLU B 482 -44.45 -3.36 -5.92
CA GLU B 482 -44.37 -4.23 -7.10
C GLU B 482 -44.28 -5.73 -6.69
N LYS B 483 -43.36 -6.06 -5.75
CA LYS B 483 -43.02 -7.45 -5.38
C LYS B 483 -43.79 -8.01 -4.19
N GLY B 484 -44.65 -7.21 -3.57
CA GLY B 484 -45.37 -7.61 -2.39
C GLY B 484 -44.51 -7.71 -1.15
N VAL B 485 -45.11 -8.18 -0.09
CA VAL B 485 -44.51 -8.19 1.22
C VAL B 485 -43.31 -9.16 1.29
N ASP B 486 -43.16 -10.11 0.35
CA ASP B 486 -42.06 -11.08 0.38
C ASP B 486 -41.00 -10.78 -0.66
N CYS B 487 -40.15 -9.76 -0.38
CA CYS B 487 -39.04 -9.30 -1.20
C CYS B 487 -37.87 -8.89 -0.28
N ASP B 488 -36.66 -8.77 -0.80
CA ASP B 488 -35.52 -8.29 -0.04
C ASP B 488 -35.48 -6.77 -0.09
N ILE B 489 -35.22 -6.15 1.07
CA ILE B 489 -34.84 -4.75 1.11
C ILE B 489 -33.59 -4.57 1.98
N ASP B 490 -32.87 -3.47 1.70
CA ASP B 490 -31.65 -3.17 2.41
C ASP B 490 -31.56 -1.64 2.51
N VAL B 491 -32.01 -1.13 3.64
CA VAL B 491 -32.12 0.31 3.86
C VAL B 491 -30.77 1.01 3.69
N PRO B 492 -29.68 0.62 4.45
CA PRO B 492 -28.42 1.34 4.30
C PRO B 492 -27.78 1.20 2.93
N LYS B 493 -27.94 0.05 2.25
CA LYS B 493 -27.38 -0.11 0.91
C LYS B 493 -28.09 0.85 -0.08
N THR B 494 -29.39 1.01 0.07
CA THR B 494 -30.16 1.94 -0.80
C THR B 494 -29.74 3.37 -0.52
N ILE B 495 -29.54 3.73 0.76
CA ILE B 495 -29.09 5.07 1.10
C ILE B 495 -27.72 5.32 0.51
N GLN B 496 -26.80 4.38 0.66
CA GLN B 496 -25.43 4.54 0.14
C GLN B 496 -25.47 4.79 -1.39
N MET B 497 -26.34 4.06 -2.07
CA MET B 497 -26.48 4.16 -3.52
C MET B 497 -26.99 5.59 -3.93
N VAL B 498 -27.93 6.13 -3.18
CA VAL B 498 -28.42 7.48 -3.43
C VAL B 498 -27.34 8.53 -3.09
N ARG B 499 -26.62 8.35 -1.97
CA ARG B 499 -25.53 9.22 -1.54
C ARG B 499 -24.36 9.27 -2.55
N SER B 500 -24.17 8.21 -3.36
CA SER B 500 -23.22 8.27 -4.47
C SER B 500 -23.65 9.18 -5.63
N GLN B 501 -24.92 9.65 -5.62
CA GLN B 501 -25.44 10.46 -6.68
C GLN B 501 -25.72 11.89 -6.27
N ARG B 502 -25.89 12.15 -4.94
CA ARG B 502 -25.91 13.51 -4.42
C ARG B 502 -25.44 13.47 -3.00
N SER B 503 -24.59 14.43 -2.64
CA SER B 503 -23.88 14.49 -1.37
C SER B 503 -24.88 14.49 -0.16
N GLY B 504 -24.68 13.60 0.80
CA GLY B 504 -25.39 13.71 2.06
C GLY B 504 -26.87 13.37 2.03
N MET B 505 -27.34 12.63 1.04
CA MET B 505 -28.77 12.25 0.97
C MET B 505 -29.12 11.41 2.21
N VAL B 506 -30.06 11.92 3.02
CA VAL B 506 -30.43 11.43 4.35
C VAL B 506 -29.38 11.92 5.33
N GLN B 507 -29.76 12.87 6.17
CA GLN B 507 -28.82 13.60 7.01
C GLN B 507 -28.66 13.02 8.42
N THR B 508 -29.78 12.57 9.06
CA THR B 508 -29.74 12.26 10.47
C THR B 508 -30.17 10.85 10.80
N GLU B 509 -29.77 10.41 12.01
CA GLU B 509 -30.23 9.15 12.56
C GLU B 509 -31.73 9.18 12.74
N ALA B 510 -32.33 10.33 13.09
CA ALA B 510 -33.80 10.42 13.20
C ALA B 510 -34.47 10.14 11.85
N GLN B 511 -33.92 10.67 10.76
CA GLN B 511 -34.45 10.37 9.39
C GLN B 511 -34.25 8.90 9.05
N TYR B 512 -33.10 8.35 9.39
CA TYR B 512 -32.80 6.94 9.18
C TYR B 512 -33.85 6.04 9.87
N ARG B 513 -34.15 6.31 11.15
CA ARG B 513 -35.21 5.57 11.87
C ARG B 513 -36.56 5.75 11.25
N PHE B 514 -36.86 6.97 10.84
CA PHE B 514 -38.10 7.27 10.16
C PHE B 514 -38.35 6.44 8.90
N ILE B 515 -37.30 6.22 8.08
CA ILE B 515 -37.35 5.43 6.85
C ILE B 515 -37.75 4.02 7.25
N TYR B 516 -37.08 3.46 8.29
CA TYR B 516 -37.48 2.15 8.79
C TYR B 516 -38.94 2.13 9.26
N MET B 517 -39.39 3.14 10.01
CA MET B 517 -40.77 3.20 10.48
CA MET B 517 -40.77 3.24 10.48
C MET B 517 -41.75 3.31 9.32
N ALA B 518 -41.42 4.12 8.28
CA ALA B 518 -42.30 4.26 7.15
C ALA B 518 -42.45 2.92 6.40
N VAL B 519 -41.34 2.22 6.18
CA VAL B 519 -41.39 0.96 5.49
C VAL B 519 -42.19 -0.07 6.32
N GLN B 520 -41.94 -0.11 7.65
CA GLN B 520 -42.74 -0.96 8.56
C GLN B 520 -44.24 -0.69 8.45
N HIS B 521 -44.65 0.58 8.50
CA HIS B 521 -46.04 0.97 8.39
C HIS B 521 -46.65 0.64 7.03
N TYR B 522 -45.92 0.88 5.94
CA TYR B 522 -46.35 0.47 4.62
C TYR B 522 -46.67 -1.04 4.53
N ILE B 523 -45.77 -1.86 5.02
CA ILE B 523 -45.89 -3.32 5.07
C ILE B 523 -47.14 -3.68 5.90
N GLU B 524 -47.30 -3.08 7.09
CA GLU B 524 -48.46 -3.40 7.96
C GLU B 524 -49.80 -3.02 7.30
N THR B 525 -49.88 -1.88 6.62
CA THR B 525 -51.15 -1.51 5.95
C THR B 525 -51.49 -2.48 4.82
N LEU B 526 -50.47 -2.97 4.09
CA LEU B 526 -50.68 -3.98 3.05
C LEU B 526 -51.27 -5.25 3.66
N GLN B 527 -50.67 -5.73 4.76
CA GLN B 527 -51.15 -6.87 5.52
C GLN B 527 -52.58 -6.66 6.07
N ARG B 528 -52.90 -5.49 6.66
CA ARG B 528 -54.25 -5.25 7.20
C ARG B 528 -55.30 -5.33 6.09
N ARG B 529 -55.03 -4.72 4.92
CA ARG B 529 -55.96 -4.81 3.80
C ARG B 529 -56.25 -6.26 3.38
N LEU B 530 -55.22 -7.13 3.41
CA LEU B 530 -55.39 -8.54 3.09
C LEU B 530 -56.15 -9.32 4.19
N GLU B 531 -56.17 -8.80 5.44
CA GLU B 531 -56.98 -9.40 6.52
C GLU B 531 -58.47 -9.04 6.39
C FMT C . 35.39 -29.74 -30.23
O1 FMT C . 34.62 -30.46 -29.54
O2 FMT C . 36.56 -29.33 -29.65
C FMT D . 32.44 -18.31 7.58
O1 FMT D . 32.58 -17.58 6.60
O2 FMT D . 31.40 -17.93 8.49
C FMT E . 20.28 9.55 -10.37
O1 FMT E . 21.07 9.71 -9.48
O2 FMT E . 19.06 9.15 -9.96
C FMT F . 22.48 -23.76 -19.09
O1 FMT F . 21.80 -23.14 -18.23
O2 FMT F . 23.55 -23.07 -19.67
N1 A1H4K G . 20.46 -3.26 6.33
C4 A1H4K G . 19.46 -6.62 5.37
C6 A1H4K G . 21.70 -6.70 5.96
C7 A1H4K G . 22.95 -7.16 6.19
C8 A1H4K G . 23.74 -6.12 6.61
C10 A1H4K G . 21.70 -5.34 6.22
C15 A1H4K G . 27.35 -3.17 7.58
C2 A1H4K G . 20.51 -4.59 6.08
C3 A1H4K G . 19.38 -5.27 5.65
N5 A1H4K G . 20.58 -7.33 5.53
N9 A1H4K G . 22.95 -5.00 6.62
C11 A1H4K G . 25.18 -6.09 6.93
O12 A1H4K G . 25.87 -7.11 6.82
N13 A1H4K G . 25.71 -4.89 7.32
C14 A1H4K G . 27.07 -4.52 7.52
C16 A1H4K G . 28.66 -2.77 7.73
C17 A1H4K G . 29.64 -3.72 7.84
N18 A1H4K G . 29.38 -5.02 7.80
C19 A1H4K G . 28.12 -5.42 7.64
H23 A1H4K G . 19.93 -2.98 6.97
H22 A1H4K G . 21.15 -2.76 6.09
H25 A1H4K G . 18.67 -7.07 5.11
H26 A1H4K G . 23.22 -8.07 6.07
H28 A1H4K G . 26.66 -2.52 7.48
H24 A1H4K G . 18.55 -4.81 5.53
H27 A1H4K G . 25.16 -4.23 7.32
H29 A1H4K G . 28.88 -1.83 7.77
H30 A1H4K G . 30.55 -3.44 7.97
H31 A1H4K G . 27.93 -6.36 7.60
H20 A1H4K G . 20.59 -8.22 5.37
H21 A1H4K G . 23.23 -4.18 6.83
S DMS H . -55.50 15.70 -3.39
O DMS H . -54.46 15.48 -4.46
C1 DMS H . -55.18 17.31 -2.70
C2 DMS H . -57.01 16.08 -4.23
N1 A1H4K I . -17.49 6.94 10.92
C4 A1H4K I . -17.23 9.62 8.48
C6 A1H4K I . -19.13 9.99 9.73
C7 A1H4K I . -20.29 10.55 10.23
C8 A1H4K I . -20.78 9.75 11.25
C10 A1H4K I . -18.86 8.84 10.49
C15 A1H4K I . -23.70 7.57 14.34
C2 A1H4K I . -17.77 8.05 10.20
C3 A1H4K I . -16.91 8.49 9.19
N5 A1H4K I . -18.31 10.38 8.76
N9 A1H4K I . -19.89 8.70 11.40
C11 A1H4K I . -22.02 9.88 12.01
O12 A1H4K I . -22.80 10.80 11.74
N13 A1H4K I . -22.28 8.98 12.99
C14 A1H4K I . -23.47 8.78 13.72
C16 A1H4K I . -24.85 7.37 15.05
C17 A1H4K I . -25.77 8.41 15.11
N18 A1H4K I . -25.58 9.59 14.51
C19 A1H4K I . -24.45 9.76 13.82
H23 A1H4K I . -17.02 7.02 11.67
H22 A1H4K I . -18.04 6.25 10.85
H25 A1H4K I . -16.63 9.93 7.80
H28 A1H4K I . -23.05 6.87 14.29
H24 A1H4K I . -16.12 7.99 8.97
H27 A1H4K I . -21.59 8.64 13.36
H29 A1H4K I . -25.02 6.55 15.49
H30 A1H4K I . -26.58 8.28 15.60
H31 A1H4K I . -24.31 10.60 13.39
H1 A1H4K I . -20.71 11.32 9.89
H20 A1H4K I . -18.47 11.12 8.29
H21 A1H4K I . -19.98 8.04 11.98
#